data_9D7B
#
_entry.id   9D7B
#
_cell.length_a   37.012
_cell.length_b   65.391
_cell.length_c   192.333
_cell.angle_alpha   90.00
_cell.angle_beta   91.20
_cell.angle_gamma   90.00
#
_symmetry.space_group_name_H-M   'P 1 21 1'
#
loop_
_entity.id
_entity.type
_entity.pdbx_description
1 polymer Beta-lactamase
2 non-polymer '(5R)-3-{[(3S,5S)-5-(dimethylcarbamoyl)pyrrolidin-3-yl]sulfanyl}-5-[(2S,3R)-3-hydroxy-1-oxobutan-2-yl]-5-methyl-4,5-dihydro-1H-pyrrole-2-carboxylic acid'
3 non-polymer 'ACETATE ION'
4 water water
#
_entity_poly.entity_id   1
_entity_poly.type   'polypeptide(L)'
_entity_poly.pdbx_seq_one_letter_code
;MKLLKILSLVCLSISIGACAEHSMSRAKTSTIPQVNNSIIDQNVQALFNEISADAVFVTYDGQNIKKYGTHLDRAKTAYI
PASTFKIANALIGLENHKATSTEIFKWDGKPRFFKAWDKDFTLGEAMQASTVPVYQELARRIGPSLMQSELQRIGYGNMQ
IGTEVDQFWLKGPLTITPIQEVKFVYDLAQGQLPFKPEVQQQVKEMLYVERRGENRLYAKSGWGMAVDPQVGWYVGFVEK
ADGQVVAFALNMQMKAGDDIALRKQLSLDVLDKLGVFHYL
;
_entity_poly.pdbx_strand_id   A,B,C,D
#
loop_
_chem_comp.id
_chem_comp.type
_chem_comp.name
_chem_comp.formula
ACT non-polymer 'ACETATE ION' 'C2 H3 O2 -1'
Y33 non-polymer '(5R)-3-{[(3S,5S)-5-(dimethylcarbamoyl)pyrrolidin-3-yl]sulfanyl}-5-[(2S,3R)-3-hydroxy-1-oxobutan-2-yl]-5-methyl-4,5-dihydro-1H-pyrrole-2-carboxylic acid' 'C17 H27 N3 O6 S'
#
# COMPACT_ATOMS: atom_id res chain seq x y z
N SER A 38 25.64 -34.80 -6.90
CA SER A 38 25.87 -35.91 -7.82
C SER A 38 25.50 -35.52 -9.24
N ILE A 39 25.38 -36.54 -10.09
CA ILE A 39 24.97 -36.31 -11.47
C ILE A 39 23.51 -35.83 -11.55
N ILE A 40 22.65 -36.24 -10.61
CA ILE A 40 21.27 -35.76 -10.71
C ILE A 40 21.21 -34.30 -10.32
N ASP A 41 22.03 -33.88 -9.35
CA ASP A 41 22.20 -32.44 -9.09
C ASP A 41 22.62 -31.71 -10.36
N GLN A 42 23.58 -32.27 -11.09
CA GLN A 42 24.04 -31.64 -12.32
C GLN A 42 22.96 -31.66 -13.38
N ASN A 43 22.19 -32.75 -13.44
CA ASN A 43 21.06 -32.82 -14.36
C ASN A 43 20.08 -31.69 -14.08
N VAL A 44 19.80 -31.43 -12.80
CA VAL A 44 18.85 -30.37 -12.45
C VAL A 44 19.41 -28.99 -12.80
N GLN A 45 20.67 -28.72 -12.43
CA GLN A 45 21.26 -27.41 -12.75
C GLN A 45 21.30 -27.18 -14.25
N ALA A 46 21.53 -28.23 -15.03
CA ALA A 46 21.61 -28.04 -16.48
C ALA A 46 20.27 -27.61 -17.05
N LEU A 47 19.15 -27.99 -16.41
CA LEU A 47 17.85 -27.49 -16.83
C LEU A 47 17.78 -25.97 -16.72
N PHE A 48 18.36 -25.41 -15.67
CA PHE A 48 18.27 -23.97 -15.47
C PHE A 48 19.25 -23.19 -16.34
N ASN A 49 20.27 -23.85 -16.90
CA ASN A 49 21.21 -23.16 -17.75
C ASN A 49 20.61 -22.72 -19.08
N GLU A 50 19.38 -23.10 -19.38
CA GLU A 50 18.68 -22.51 -20.51
C GLU A 50 17.60 -21.54 -20.07
N ILE A 51 17.34 -21.43 -18.78
CA ILE A 51 16.42 -20.43 -18.24
C ILE A 51 17.21 -19.15 -18.02
N SER A 52 16.86 -18.11 -18.75
CA SER A 52 17.59 -16.84 -18.60
C SER A 52 17.14 -16.05 -17.39
N ALA A 53 15.94 -16.30 -16.87
CA ALA A 53 15.45 -15.56 -15.71
C ALA A 53 16.10 -16.07 -14.42
N ASP A 54 16.29 -15.15 -13.48
CA ASP A 54 16.63 -15.52 -12.11
C ASP A 54 15.57 -16.46 -11.53
N ALA A 55 15.98 -17.67 -11.16
CA ALA A 55 15.04 -18.66 -10.64
C ALA A 55 15.71 -19.47 -9.54
N VAL A 56 14.93 -19.82 -8.53
CA VAL A 56 15.32 -20.81 -7.54
C VAL A 56 14.24 -21.89 -7.49
N PHE A 57 14.65 -23.11 -7.16
CA PHE A 57 13.73 -24.22 -6.92
C PHE A 57 14.14 -24.85 -5.60
N VAL A 58 13.26 -24.78 -4.61
CA VAL A 58 13.52 -25.30 -3.27
C VAL A 58 12.74 -26.60 -3.10
N THR A 59 13.35 -27.61 -2.48
CA THR A 59 12.64 -28.81 -2.05
C THR A 59 12.83 -29.00 -0.55
N TYR A 60 11.88 -29.70 0.04
CA TYR A 60 11.84 -29.96 1.48
C TYR A 60 11.19 -31.32 1.67
N ASP A 61 11.86 -32.21 2.40
CA ASP A 61 11.36 -33.56 2.64
C ASP A 61 11.07 -33.78 4.12
N GLY A 62 10.95 -32.71 4.90
CA GLY A 62 10.78 -32.80 6.33
C GLY A 62 12.07 -32.86 7.10
N GLN A 63 13.19 -33.13 6.44
CA GLN A 63 14.48 -33.04 7.11
C GLN A 63 15.37 -31.97 6.50
N ASN A 64 15.53 -31.97 5.19
CA ASN A 64 16.55 -31.17 4.53
C ASN A 64 15.93 -30.23 3.51
N ILE A 65 16.35 -28.96 3.54
CA ILE A 65 16.07 -28.01 2.47
C ILE A 65 17.17 -28.15 1.42
N LYS A 66 16.78 -28.24 0.15
CA LYS A 66 17.72 -28.27 -0.96
C LYS A 66 17.33 -27.19 -1.95
N LYS A 67 18.34 -26.59 -2.61
CA LYS A 67 18.14 -25.43 -3.45
C LYS A 67 18.78 -25.64 -4.80
N TYR A 68 18.06 -25.30 -5.88
CA TYR A 68 18.61 -25.36 -7.23
C TYR A 68 18.27 -24.09 -7.97
N GLY A 69 18.94 -23.92 -9.11
CA GLY A 69 18.55 -22.91 -10.07
C GLY A 69 19.67 -21.93 -10.37
N THR A 70 19.31 -20.76 -10.89
CA THR A 70 20.30 -19.79 -11.30
C THR A 70 20.60 -18.74 -10.26
N HIS A 71 19.73 -18.50 -9.28
CA HIS A 71 20.05 -17.52 -8.24
C HIS A 71 19.57 -18.03 -6.89
N LEU A 72 20.46 -18.71 -6.17
CA LEU A 72 20.07 -19.45 -4.97
C LEU A 72 19.62 -18.54 -3.83
N ASP A 73 20.05 -17.28 -3.82
CA ASP A 73 19.63 -16.36 -2.78
C ASP A 73 18.16 -15.99 -2.87
N ARG A 74 17.50 -16.28 -4.00
CA ARG A 74 16.06 -16.09 -4.06
C ARG A 74 15.36 -16.90 -2.96
N ALA A 75 15.95 -18.04 -2.56
CA ALA A 75 15.28 -18.95 -1.63
C ALA A 75 15.06 -18.30 -0.26
N LYS A 76 15.90 -17.35 0.13
CA LYS A 76 15.77 -16.67 1.42
C LYS A 76 15.32 -15.22 1.25
N THR A 77 14.85 -14.84 0.07
CA THR A 77 14.33 -13.51 -0.19
C THR A 77 12.81 -13.57 -0.16
N ALA A 78 12.18 -12.54 0.39
CA ALA A 78 10.73 -12.54 0.53
C ALA A 78 10.11 -11.87 -0.68
N TYR A 79 9.10 -12.52 -1.26
CA TYR A 79 8.34 -11.96 -2.36
C TYR A 79 6.87 -11.99 -1.97
N ILE A 80 6.04 -11.27 -2.72
CA ILE A 80 4.59 -11.35 -2.43
C ILE A 80 4.12 -12.76 -2.76
N PRO A 81 3.19 -13.33 -1.99
CA PRO A 81 2.71 -14.68 -2.33
C PRO A 81 1.91 -14.72 -3.62
N ALA A 82 1.31 -13.59 -4.03
CA ALA A 82 0.38 -13.60 -5.16
C ALA A 82 -0.64 -14.72 -4.95
N SER A 83 -0.97 -15.43 -6.02
CA SER A 83 -2.06 -16.42 -5.99
C SER A 83 -1.78 -17.63 -5.10
N THR A 84 -0.52 -17.90 -4.75
CA THR A 84 -0.27 -18.97 -3.79
C THR A 84 -0.86 -18.66 -2.43
N PHE A 85 -1.24 -17.40 -2.18
CA PHE A 85 -1.90 -17.07 -0.93
C PHE A 85 -3.29 -17.68 -0.82
N LYS A 86 -3.92 -18.05 -1.95
CA LYS A 86 -5.21 -18.76 -1.91
C LYS A 86 -5.18 -19.96 -0.97
N ILE A 87 -4.02 -20.60 -0.81
CA ILE A 87 -3.92 -21.73 0.13
C ILE A 87 -4.21 -21.25 1.55
N ALA A 88 -3.48 -20.25 2.03
CA ALA A 88 -3.75 -19.75 3.38
C ALA A 88 -5.13 -19.12 3.48
N ASN A 89 -5.60 -18.48 2.39
CA ASN A 89 -6.90 -17.84 2.39
C ASN A 89 -8.01 -18.87 2.63
N ALA A 90 -8.01 -19.94 1.82
CA ALA A 90 -8.98 -21.02 1.99
C ALA A 90 -8.94 -21.59 3.40
N LEU A 91 -7.75 -21.95 3.88
CA LEU A 91 -7.62 -22.48 5.24
C LEU A 91 -8.26 -21.55 6.28
N ILE A 92 -7.86 -20.26 6.27
CA ILE A 92 -8.38 -19.30 7.25
C ILE A 92 -9.89 -19.19 7.12
N GLY A 93 -10.41 -19.17 5.90
CA GLY A 93 -11.83 -18.96 5.70
C GLY A 93 -12.67 -20.16 6.11
N LEU A 94 -12.21 -21.38 5.78
CA LEU A 94 -12.92 -22.57 6.23
C LEU A 94 -12.80 -22.74 7.74
N GLU A 95 -11.61 -22.45 8.29
CA GLU A 95 -11.40 -22.62 9.72
C GLU A 95 -12.32 -21.73 10.54
N ASN A 96 -12.64 -20.54 10.03
CA ASN A 96 -13.38 -19.54 10.78
C ASN A 96 -14.82 -19.42 10.31
N HIS A 97 -15.36 -20.47 9.69
CA HIS A 97 -16.79 -20.56 9.34
C HIS A 97 -17.22 -19.38 8.48
N LYS A 98 -16.37 -18.97 7.53
CA LYS A 98 -16.70 -17.92 6.57
C LYS A 98 -17.09 -18.47 5.21
N ALA A 99 -16.77 -19.73 4.95
CA ALA A 99 -17.22 -20.44 3.77
C ALA A 99 -17.12 -21.93 4.07
N THR A 100 -17.66 -22.73 3.17
CA THR A 100 -17.46 -24.16 3.17
C THR A 100 -16.86 -24.53 1.82
N SER A 101 -16.49 -25.79 1.67
CA SER A 101 -16.00 -26.23 0.38
C SER A 101 -17.13 -26.57 -0.57
N THR A 102 -18.37 -26.51 -0.10
CA THR A 102 -19.56 -26.79 -0.92
C THR A 102 -20.25 -25.52 -1.41
N GLU A 103 -20.15 -24.42 -0.66
CA GLU A 103 -20.79 -23.17 -1.05
C GLU A 103 -20.41 -22.72 -2.45
N ILE A 104 -21.41 -22.22 -3.19
CA ILE A 104 -21.19 -21.60 -4.48
C ILE A 104 -20.95 -20.09 -4.29
N PHE A 105 -19.82 -19.59 -4.79
CA PHE A 105 -19.57 -18.16 -4.89
C PHE A 105 -20.08 -17.70 -6.24
N LYS A 106 -21.25 -17.08 -6.24
CA LYS A 106 -21.91 -16.74 -7.48
C LYS A 106 -21.26 -15.53 -8.12
N TRP A 107 -21.21 -15.54 -9.44
CA TRP A 107 -20.72 -14.38 -10.18
C TRP A 107 -21.74 -13.26 -10.05
N ASP A 108 -21.27 -12.04 -9.78
CA ASP A 108 -22.21 -10.96 -9.55
C ASP A 108 -22.55 -10.18 -10.82
N GLY A 109 -22.20 -10.70 -11.98
CA GLY A 109 -22.57 -10.06 -13.23
C GLY A 109 -21.61 -9.01 -13.74
N LYS A 110 -20.61 -8.61 -12.95
CA LYS A 110 -19.63 -7.61 -13.39
C LYS A 110 -18.51 -8.33 -14.15
N PRO A 111 -18.33 -8.06 -15.44
CA PRO A 111 -17.23 -8.69 -16.18
C PRO A 111 -15.91 -8.44 -15.48
N ARG A 112 -15.21 -9.54 -15.20
CA ARG A 112 -13.93 -9.53 -14.49
C ARG A 112 -12.80 -9.37 -15.50
N PHE A 113 -11.59 -9.18 -14.99
CA PHE A 113 -10.42 -9.03 -15.86
C PHE A 113 -10.36 -10.17 -16.88
N PHE A 114 -10.30 -11.40 -16.38
CA PHE A 114 -10.42 -12.57 -17.23
C PHE A 114 -11.89 -12.86 -17.50
N LYS A 115 -12.18 -13.34 -18.71
CA LYS A 115 -13.56 -13.69 -19.04
C LYS A 115 -13.96 -15.04 -18.46
N ALA A 116 -13.03 -16.00 -18.45
CA ALA A 116 -13.35 -17.36 -17.99
C ALA A 116 -13.59 -17.39 -16.49
N TRP A 117 -13.52 -16.22 -15.86
CA TRP A 117 -13.90 -16.06 -14.47
C TRP A 117 -15.37 -15.67 -14.29
N ASP A 118 -16.10 -15.46 -15.39
CA ASP A 118 -17.45 -14.93 -15.29
C ASP A 118 -18.45 -16.09 -15.17
N LYS A 119 -18.31 -16.81 -14.07
CA LYS A 119 -19.17 -17.95 -13.76
C LYS A 119 -19.15 -18.14 -12.26
N ASP A 120 -19.95 -19.09 -11.80
CA ASP A 120 -20.01 -19.42 -10.38
C ASP A 120 -18.92 -20.41 -10.02
N PHE A 121 -18.47 -20.36 -8.78
CA PHE A 121 -17.34 -21.20 -8.36
C PHE A 121 -17.51 -21.67 -6.94
N THR A 122 -17.23 -22.94 -6.71
CA THR A 122 -16.85 -23.32 -5.35
C THR A 122 -15.42 -22.86 -5.09
N LEU A 123 -15.03 -22.86 -3.80
CA LEU A 123 -13.65 -22.53 -3.44
C LEU A 123 -12.65 -23.43 -4.15
N GLY A 124 -12.97 -24.72 -4.24
CA GLY A 124 -12.08 -25.64 -4.93
C GLY A 124 -12.02 -25.38 -6.42
N GLU A 125 -13.18 -25.18 -7.05
CA GLU A 125 -13.17 -24.83 -8.47
C GLU A 125 -12.42 -23.53 -8.72
N ALA A 126 -12.50 -22.59 -7.78
CA ALA A 126 -11.80 -21.32 -7.94
C ALA A 126 -10.31 -21.47 -7.67
N MET A 127 -9.91 -22.44 -6.85
CA MET A 127 -8.49 -22.71 -6.66
C MET A 127 -7.84 -23.15 -7.96
N GLN A 128 -8.48 -24.08 -8.69
CA GLN A 128 -7.88 -24.56 -9.92
C GLN A 128 -7.93 -23.51 -11.02
N ALA A 129 -9.02 -22.73 -11.08
CA ALA A 129 -9.10 -21.64 -12.04
C ALA A 129 -8.35 -20.39 -11.58
N SER A 130 -7.79 -20.42 -10.37
CA SER A 130 -7.14 -19.27 -9.74
C SER A 130 -7.96 -17.99 -9.88
N THR A 131 -9.22 -18.09 -9.46
CA THR A 131 -10.21 -17.02 -9.63
C THR A 131 -10.07 -16.02 -8.49
N VAL A 132 -9.25 -14.98 -8.76
CA VAL A 132 -8.96 -13.98 -7.72
C VAL A 132 -10.21 -13.32 -7.15
N PRO A 133 -11.19 -12.88 -7.94
CA PRO A 133 -12.34 -12.21 -7.30
C PRO A 133 -13.06 -13.08 -6.28
N VAL A 134 -13.11 -14.40 -6.47
CA VAL A 134 -13.74 -15.26 -5.45
C VAL A 134 -12.95 -15.20 -4.15
N TYR A 135 -11.62 -15.32 -4.23
CA TYR A 135 -10.81 -15.28 -3.03
C TYR A 135 -10.69 -13.88 -2.44
N GLN A 136 -10.88 -12.83 -3.25
CA GLN A 136 -11.01 -11.49 -2.66
C GLN A 136 -12.29 -11.39 -1.84
N GLU A 137 -13.40 -11.93 -2.37
CA GLU A 137 -14.65 -11.95 -1.62
C GLU A 137 -14.49 -12.74 -0.33
N LEU A 138 -13.74 -13.85 -0.38
CA LEU A 138 -13.45 -14.60 0.83
C LEU A 138 -12.64 -13.78 1.83
N ALA A 139 -11.61 -13.06 1.35
CA ALA A 139 -10.88 -12.17 2.26
C ALA A 139 -11.81 -11.13 2.89
N ARG A 140 -12.77 -10.62 2.13
CA ARG A 140 -13.66 -9.60 2.70
C ARG A 140 -14.61 -10.21 3.74
N ARG A 141 -14.99 -11.49 3.57
CA ARG A 141 -15.76 -12.17 4.61
C ARG A 141 -14.93 -12.33 5.88
N ILE A 142 -13.63 -12.58 5.73
CA ILE A 142 -12.77 -12.75 6.90
C ILE A 142 -12.57 -11.42 7.62
N GLY A 143 -12.40 -10.34 6.87
CA GLY A 143 -12.15 -9.05 7.48
C GLY A 143 -10.69 -8.85 7.88
N PRO A 144 -10.26 -7.58 7.99
CA PRO A 144 -8.85 -7.30 8.30
C PRO A 144 -8.44 -7.75 9.68
N SER A 145 -9.33 -7.65 10.66
CA SER A 145 -8.94 -7.97 12.04
C SER A 145 -8.63 -9.44 12.19
N LEU A 146 -9.56 -10.30 11.79
CA LEU A 146 -9.33 -11.74 11.86
C LEU A 146 -8.17 -12.13 10.97
N MET A 147 -8.19 -11.69 9.70
CA MET A 147 -7.11 -12.01 8.77
C MET A 147 -5.75 -11.75 9.39
N GLN A 148 -5.60 -10.59 10.04
CA GLN A 148 -4.34 -10.22 10.66
C GLN A 148 -3.98 -11.18 11.78
N SER A 149 -4.90 -11.36 12.74
CA SER A 149 -4.60 -12.23 13.87
C SER A 149 -4.31 -13.65 13.41
N GLU A 150 -4.94 -14.10 12.32
CA GLU A 150 -4.71 -15.46 11.87
C GLU A 150 -3.35 -15.62 11.21
N LEU A 151 -2.98 -14.68 10.32
CA LEU A 151 -1.62 -14.69 9.78
C LEU A 151 -0.58 -14.64 10.90
N GLN A 152 -0.82 -13.84 11.93
CA GLN A 152 0.09 -13.84 13.07
C GLN A 152 0.09 -15.20 13.75
N ARG A 153 -1.10 -15.74 14.04
CA ARG A 153 -1.21 -16.99 14.76
C ARG A 153 -0.41 -18.10 14.10
N ILE A 154 -0.47 -18.20 12.76
CA ILE A 154 0.23 -19.28 12.06
C ILE A 154 1.62 -18.88 11.57
N GLY A 155 1.99 -17.60 11.66
CA GLY A 155 3.30 -17.14 11.25
C GLY A 155 3.55 -17.23 9.76
N TYR A 156 2.58 -16.77 8.96
CA TYR A 156 2.69 -16.82 7.51
C TYR A 156 3.48 -15.58 7.05
N GLY A 157 4.67 -15.80 6.49
CA GLY A 157 5.53 -14.75 5.95
C GLY A 157 5.79 -13.64 6.94
N ASN A 158 5.78 -12.40 6.44
CA ASN A 158 5.95 -11.30 7.36
C ASN A 158 4.65 -10.89 8.02
N MET A 159 3.56 -11.62 7.79
CA MET A 159 2.30 -11.43 8.51
C MET A 159 1.80 -10.00 8.43
N GLN A 160 2.04 -9.30 7.33
CA GLN A 160 1.67 -7.90 7.20
C GLN A 160 0.59 -7.73 6.14
N ILE A 161 -0.52 -7.09 6.50
CA ILE A 161 -1.67 -6.96 5.61
C ILE A 161 -1.92 -5.54 5.14
N GLY A 162 -1.32 -4.54 5.76
CA GLY A 162 -1.66 -3.20 5.29
C GLY A 162 -3.08 -2.81 5.65
N THR A 163 -3.69 -2.00 4.79
CA THR A 163 -5.00 -1.42 5.09
C THR A 163 -6.11 -1.92 4.18
N GLU A 164 -5.79 -2.67 3.12
CA GLU A 164 -6.78 -3.16 2.17
C GLU A 164 -6.80 -4.69 2.23
N VAL A 165 -7.91 -5.24 2.74
CA VAL A 165 -7.98 -6.65 3.09
C VAL A 165 -8.07 -7.57 1.89
N ASP A 166 -8.34 -7.06 0.69
CA ASP A 166 -8.48 -7.91 -0.47
C ASP A 166 -7.36 -7.68 -1.49
N GLN A 167 -6.27 -7.04 -1.09
CA GLN A 167 -5.18 -6.66 -1.98
C GLN A 167 -3.79 -6.99 -1.44
N PHE A 168 -3.65 -7.38 -0.17
CA PHE A 168 -2.32 -7.38 0.45
C PHE A 168 -1.41 -8.49 -0.08
N TRP A 169 -1.98 -9.60 -0.57
CA TRP A 169 -1.16 -10.65 -1.15
C TRP A 169 -0.86 -10.39 -2.62
N LEU A 170 -1.53 -9.41 -3.22
CA LEU A 170 -1.39 -9.05 -4.63
C LEU A 170 -0.42 -7.89 -4.87
N LYS A 171 -0.35 -6.94 -3.93
CA LYS A 171 0.47 -5.75 -4.06
C LYS A 171 1.50 -5.59 -2.96
N GLY A 172 1.50 -6.46 -1.95
CA GLY A 172 2.18 -6.17 -0.71
C GLY A 172 1.21 -5.59 0.30
N PRO A 173 1.65 -5.43 1.55
CA PRO A 173 2.99 -5.65 2.08
C PRO A 173 3.25 -7.10 2.50
N LEU A 174 2.32 -8.05 2.33
CA LEU A 174 2.61 -9.42 2.71
C LEU A 174 3.67 -10.00 1.78
N THR A 175 4.75 -10.51 2.36
CA THR A 175 5.77 -11.21 1.59
C THR A 175 6.18 -12.46 2.35
N ILE A 176 6.76 -13.41 1.60
CA ILE A 176 7.11 -14.72 2.14
C ILE A 176 8.27 -15.27 1.32
N THR A 177 9.20 -15.96 1.97
CA THR A 177 10.30 -16.54 1.21
C THR A 177 9.91 -17.89 0.64
N PRO A 178 10.58 -18.31 -0.44
CA PRO A 178 10.34 -19.67 -0.96
C PRO A 178 10.53 -20.75 0.08
N ILE A 179 11.48 -20.59 1.00
CA ILE A 179 11.67 -21.59 2.03
C ILE A 179 10.48 -21.62 2.98
N GLN A 180 9.89 -20.44 3.27
CA GLN A 180 8.68 -20.43 4.09
C GLN A 180 7.50 -21.08 3.38
N GLU A 181 7.35 -20.87 2.07
CA GLU A 181 6.28 -21.51 1.33
C GLU A 181 6.42 -23.02 1.40
N VAL A 182 7.63 -23.52 1.13
CA VAL A 182 7.81 -24.96 1.02
C VAL A 182 7.56 -25.60 2.37
N LYS A 183 7.89 -24.91 3.47
CA LYS A 183 7.61 -25.46 4.78
C LYS A 183 6.12 -25.37 5.10
N PHE A 184 5.48 -24.27 4.68
CA PHE A 184 4.03 -24.13 4.81
C PHE A 184 3.31 -25.33 4.19
N VAL A 185 3.56 -25.59 2.91
CA VAL A 185 2.79 -26.63 2.22
C VAL A 185 3.23 -28.03 2.63
N TYR A 186 4.47 -28.21 3.08
CA TYR A 186 4.84 -29.49 3.66
C TYR A 186 3.94 -29.84 4.83
N ASP A 187 3.78 -28.89 5.75
CA ASP A 187 2.91 -29.09 6.91
C ASP A 187 1.46 -29.29 6.47
N LEU A 188 0.99 -28.52 5.48
CA LEU A 188 -0.34 -28.78 4.95
C LEU A 188 -0.47 -30.23 4.48
N ALA A 189 0.56 -30.74 3.79
CA ALA A 189 0.51 -32.12 3.28
C ALA A 189 0.39 -33.11 4.42
N GLN A 190 1.05 -32.83 5.54
CA GLN A 190 1.07 -33.73 6.67
C GLN A 190 -0.07 -33.47 7.65
N GLY A 191 -0.96 -32.53 7.36
CA GLY A 191 -2.03 -32.21 8.30
C GLY A 191 -1.56 -31.57 9.59
N GLN A 192 -0.43 -30.88 9.57
CA GLN A 192 0.22 -30.39 10.79
C GLN A 192 0.23 -28.87 10.88
N LEU A 193 -0.48 -28.18 10.00
CA LEU A 193 -0.70 -26.76 10.20
C LEU A 193 -1.67 -26.56 11.35
N PRO A 194 -1.63 -25.41 12.01
CA PRO A 194 -2.54 -25.20 13.15
C PRO A 194 -3.96 -24.87 12.70
N PHE A 195 -4.62 -25.83 12.06
CA PHE A 195 -6.00 -25.75 11.63
C PHE A 195 -6.66 -27.09 11.85
N LYS A 196 -7.99 -27.11 11.78
CA LYS A 196 -8.71 -28.38 11.89
C LYS A 196 -8.24 -29.33 10.79
N PRO A 197 -8.08 -30.63 11.10
CA PRO A 197 -7.57 -31.55 10.06
C PRO A 197 -8.48 -31.67 8.87
N GLU A 198 -9.80 -31.57 9.08
CA GLU A 198 -10.75 -31.60 7.97
C GLU A 198 -10.60 -30.40 7.07
N VAL A 199 -10.26 -29.24 7.65
CA VAL A 199 -9.99 -28.06 6.84
C VAL A 199 -8.72 -28.25 6.01
N GLN A 200 -7.66 -28.77 6.63
CA GLN A 200 -6.44 -29.01 5.86
C GLN A 200 -6.67 -30.00 4.73
N GLN A 201 -7.48 -31.05 4.98
CA GLN A 201 -7.76 -32.05 3.95
C GLN A 201 -8.57 -31.47 2.81
N GLN A 202 -9.54 -30.60 3.13
CA GLN A 202 -10.30 -29.95 2.07
C GLN A 202 -9.40 -29.05 1.23
N VAL A 203 -8.56 -28.24 1.86
CA VAL A 203 -7.72 -27.38 1.04
C VAL A 203 -6.69 -28.20 0.28
N LYS A 204 -6.13 -29.22 0.93
CA LYS A 204 -5.15 -30.08 0.26
C LYS A 204 -5.70 -30.65 -1.04
N GLU A 205 -6.94 -31.12 -1.04
CA GLU A 205 -7.46 -31.72 -2.26
C GLU A 205 -7.84 -30.69 -3.32
N MET A 206 -8.09 -29.43 -2.93
CA MET A 206 -8.23 -28.36 -3.91
C MET A 206 -6.98 -28.15 -4.75
N LEU A 207 -5.82 -28.56 -4.25
CA LEU A 207 -4.54 -28.40 -4.93
C LEU A 207 -4.17 -29.63 -5.76
N TYR A 208 -4.99 -30.69 -5.75
CA TYR A 208 -4.64 -31.91 -6.47
C TYR A 208 -4.52 -31.63 -7.97
N VAL A 209 -3.41 -32.07 -8.54
CA VAL A 209 -3.10 -31.86 -9.96
C VAL A 209 -3.18 -33.17 -10.75
N GLU A 210 -2.42 -34.18 -10.33
CA GLU A 210 -2.37 -35.41 -11.11
C GLU A 210 -1.68 -36.48 -10.27
N ARG A 211 -1.85 -37.73 -10.69
CA ARG A 211 -1.15 -38.81 -10.04
C ARG A 211 -0.47 -39.69 -11.08
N ARG A 212 0.62 -40.32 -10.66
CA ARG A 212 1.35 -41.28 -11.49
C ARG A 212 1.57 -42.51 -10.63
N GLY A 213 0.92 -43.61 -10.99
CA GLY A 213 0.81 -44.74 -10.07
C GLY A 213 0.09 -44.25 -8.83
N GLU A 214 0.72 -44.40 -7.67
CA GLU A 214 0.16 -43.86 -6.44
C GLU A 214 0.90 -42.64 -5.93
N ASN A 215 1.78 -42.05 -6.75
CA ASN A 215 2.39 -40.76 -6.42
C ASN A 215 1.45 -39.65 -6.81
N ARG A 216 1.24 -38.72 -5.89
CA ARG A 216 0.31 -37.63 -6.11
C ARG A 216 1.04 -36.29 -6.11
N LEU A 217 0.75 -35.48 -7.12
CA LEU A 217 1.21 -34.10 -7.24
C LEU A 217 0.11 -33.13 -6.81
N TYR A 218 0.44 -32.23 -5.90
CA TYR A 218 -0.42 -31.10 -5.57
C TYR A 218 0.35 -29.82 -5.86
N ALA A 219 -0.32 -28.80 -6.42
CA ALA A 219 0.44 -27.60 -6.77
C ALA A 219 -0.49 -26.41 -7.01
N LYS A 220 0.09 -25.21 -6.83
CA LYS A 220 -0.57 -23.94 -7.06
C LYS A 220 0.45 -23.00 -7.71
N SER A 221 0.05 -22.37 -8.81
CA SER A 221 0.92 -21.41 -9.47
C SER A 221 0.55 -20.00 -9.04
N GLY A 222 1.46 -19.08 -9.26
CA GLY A 222 1.17 -17.68 -9.03
C GLY A 222 2.01 -16.84 -9.95
N TRP A 223 1.47 -15.67 -10.32
CA TRP A 223 2.23 -14.69 -11.10
C TRP A 223 1.81 -13.32 -10.57
N GLY A 224 2.66 -12.74 -9.73
CA GLY A 224 2.40 -11.42 -9.22
C GLY A 224 2.86 -10.40 -10.23
N MET A 225 1.91 -9.75 -10.90
CA MET A 225 2.21 -8.77 -11.92
C MET A 225 2.15 -7.33 -11.42
N ALA A 226 1.61 -7.10 -10.23
CA ALA A 226 1.42 -5.76 -9.70
C ALA A 226 2.64 -5.22 -9.00
N VAL A 227 3.75 -5.95 -8.99
CA VAL A 227 4.95 -5.49 -8.31
C VAL A 227 6.11 -5.53 -9.27
N ASP A 228 7.18 -4.83 -8.90
CA ASP A 228 8.38 -4.69 -9.70
C ASP A 228 9.57 -5.20 -8.88
N PRO A 229 10.28 -6.23 -9.34
CA PRO A 229 9.99 -7.02 -10.54
C PRO A 229 8.83 -7.97 -10.27
N GLN A 230 8.20 -8.47 -11.32
CA GLN A 230 7.14 -9.47 -11.17
C GLN A 230 7.73 -10.76 -10.60
N VAL A 231 6.91 -11.54 -9.91
CA VAL A 231 7.38 -12.77 -9.28
C VAL A 231 6.49 -13.92 -9.72
N GLY A 232 7.12 -15.04 -10.08
CA GLY A 232 6.42 -16.25 -10.51
C GLY A 232 6.66 -17.38 -9.53
N TRP A 233 5.61 -18.12 -9.25
CA TRP A 233 5.63 -19.17 -8.25
C TRP A 233 5.06 -20.45 -8.84
N TYR A 234 5.62 -21.59 -8.46
CA TYR A 234 4.93 -22.86 -8.60
C TYR A 234 5.29 -23.63 -7.34
N VAL A 235 4.32 -23.79 -6.44
CA VAL A 235 4.56 -24.38 -5.13
C VAL A 235 3.64 -25.57 -5.00
N GLY A 236 4.06 -26.57 -4.23
CA GLY A 236 3.25 -27.76 -4.09
C GLY A 236 4.02 -28.87 -3.40
N PHE A 237 3.55 -30.09 -3.61
CA PHE A 237 4.23 -31.23 -3.02
C PHE A 237 3.85 -32.50 -3.75
N VAL A 238 4.71 -33.50 -3.59
CA VAL A 238 4.50 -34.82 -4.14
C VAL A 238 4.31 -35.74 -2.96
N GLU A 239 3.18 -36.43 -2.93
CA GLU A 239 2.90 -37.43 -1.92
C GLU A 239 3.14 -38.79 -2.56
N LYS A 240 4.11 -39.53 -2.03
CA LYS A 240 4.35 -40.88 -2.51
C LYS A 240 3.40 -41.85 -1.81
N ALA A 241 3.14 -42.99 -2.47
CA ALA A 241 2.41 -44.06 -1.78
C ALA A 241 3.10 -44.41 -0.46
N ASP A 242 4.43 -44.29 -0.44
CA ASP A 242 5.23 -44.37 0.78
C ASP A 242 4.66 -43.55 1.94
N GLY A 243 3.81 -42.57 1.67
CA GLY A 243 3.43 -41.60 2.67
C GLY A 243 4.44 -40.50 2.85
N GLN A 244 5.67 -40.68 2.37
CA GLN A 244 6.64 -39.59 2.39
C GLN A 244 6.21 -38.47 1.48
N VAL A 245 6.53 -37.24 1.88
CA VAL A 245 6.16 -36.05 1.14
C VAL A 245 7.44 -35.32 0.75
N VAL A 246 7.49 -34.84 -0.49
CA VAL A 246 8.50 -33.87 -0.91
C VAL A 246 7.76 -32.61 -1.35
N ALA A 247 7.89 -31.53 -0.58
CA ALA A 247 7.35 -30.24 -0.95
C ALA A 247 8.36 -29.44 -1.77
N PHE A 248 7.85 -28.59 -2.67
CA PHE A 248 8.73 -27.85 -3.57
C PHE A 248 8.18 -26.45 -3.79
N ALA A 249 9.07 -25.54 -4.18
CA ALA A 249 8.72 -24.16 -4.56
C ALA A 249 9.67 -23.70 -5.65
N LEU A 250 9.12 -23.46 -6.83
CA LEU A 250 9.80 -22.71 -7.88
C LEU A 250 9.47 -21.24 -7.65
N ASN A 251 10.47 -20.38 -7.72
CA ASN A 251 10.25 -18.95 -7.57
C ASN A 251 11.20 -18.26 -8.53
N MET A 252 10.65 -17.43 -9.42
CA MET A 252 11.47 -16.85 -10.47
C MET A 252 10.97 -15.49 -10.87
N GLN A 253 11.89 -14.69 -11.42
CA GLN A 253 11.52 -13.39 -11.96
C GLN A 253 10.71 -13.57 -13.23
N MET A 254 9.62 -12.83 -13.33
CA MET A 254 8.80 -12.85 -14.53
C MET A 254 8.87 -11.48 -15.19
N LYS A 255 8.54 -11.46 -16.47
CA LYS A 255 8.32 -10.20 -17.14
C LYS A 255 7.21 -10.42 -18.16
N ALA A 256 6.56 -9.32 -18.54
CA ALA A 256 5.43 -9.39 -19.48
C ALA A 256 5.81 -10.18 -20.73
N GLY A 257 4.84 -10.93 -21.24
CA GLY A 257 5.02 -11.75 -22.41
C GLY A 257 5.67 -13.11 -22.18
N ASP A 258 6.05 -13.44 -20.94
CA ASP A 258 6.66 -14.73 -20.66
C ASP A 258 5.62 -15.84 -20.81
N ASP A 259 6.11 -17.05 -21.06
CA ASP A 259 5.26 -18.22 -21.27
C ASP A 259 4.58 -18.63 -19.97
N ILE A 260 3.25 -18.59 -19.93
CA ILE A 260 2.55 -18.92 -18.69
C ILE A 260 2.77 -20.39 -18.31
N ALA A 261 3.01 -21.25 -19.30
CA ALA A 261 3.20 -22.68 -19.02
C ALA A 261 4.59 -23.03 -18.49
N LEU A 262 5.56 -22.11 -18.52
CA LEU A 262 6.93 -22.46 -18.22
C LEU A 262 7.12 -22.89 -16.76
N ARG A 263 6.47 -22.18 -15.83
CA ARG A 263 6.66 -22.51 -14.41
C ARG A 263 6.32 -23.97 -14.13
N LYS A 264 5.16 -24.43 -14.62
CA LYS A 264 4.73 -25.80 -14.35
C LYS A 264 5.62 -26.81 -15.06
N GLN A 265 5.92 -26.54 -16.33
CA GLN A 265 6.70 -27.46 -17.14
C GLN A 265 8.13 -27.57 -16.63
N LEU A 266 8.69 -26.46 -16.14
CA LEU A 266 10.04 -26.50 -15.60
C LEU A 266 10.06 -27.25 -14.28
N SER A 267 9.02 -27.08 -13.46
CA SER A 267 8.96 -27.79 -12.18
C SER A 267 8.80 -29.29 -12.37
N LEU A 268 7.96 -29.70 -13.32
CA LEU A 268 7.80 -31.13 -13.56
C LEU A 268 9.09 -31.73 -14.10
N ASP A 269 9.81 -30.97 -14.95
CA ASP A 269 11.11 -31.42 -15.43
C ASP A 269 12.06 -31.63 -14.28
N VAL A 270 12.09 -30.68 -13.35
CA VAL A 270 12.99 -30.79 -12.20
C VAL A 270 12.61 -31.99 -11.36
N LEU A 271 11.32 -32.12 -11.02
CA LEU A 271 10.86 -33.23 -10.19
C LEU A 271 11.19 -34.56 -10.84
N ASP A 272 11.08 -34.64 -12.17
CA ASP A 272 11.48 -35.85 -12.87
C ASP A 272 12.98 -36.11 -12.75
N LYS A 273 13.81 -35.08 -13.02
CA LYS A 273 15.26 -35.26 -12.90
C LYS A 273 15.66 -35.64 -11.48
N LEU A 274 14.95 -35.11 -10.49
CA LEU A 274 15.21 -35.46 -9.10
C LEU A 274 14.76 -36.88 -8.75
N GLY A 275 13.94 -37.50 -9.60
CA GLY A 275 13.36 -38.78 -9.19
C GLY A 275 12.25 -38.69 -8.17
N VAL A 276 11.72 -37.48 -7.92
CA VAL A 276 10.62 -37.32 -6.98
C VAL A 276 9.30 -37.65 -7.65
N PHE A 277 9.17 -37.29 -8.95
CA PHE A 277 7.94 -37.43 -9.71
C PHE A 277 8.37 -37.71 -11.15
N HIS A 278 8.66 -38.99 -11.42
CA HIS A 278 9.08 -39.40 -12.75
C HIS A 278 7.96 -39.22 -13.77
N TYR A 279 8.33 -38.85 -15.00
CA TYR A 279 7.38 -38.98 -16.10
C TYR A 279 7.05 -40.44 -16.31
N LEU A 280 5.83 -40.71 -16.77
CA LEU A 280 5.45 -42.05 -17.10
C LEU A 280 5.82 -42.30 -18.57
N SER B 38 -46.99 27.05 -14.48
CA SER B 38 -45.94 27.84 -15.13
C SER B 38 -45.92 27.61 -16.64
N ILE B 39 -46.35 28.61 -17.40
CA ILE B 39 -46.61 28.42 -18.83
C ILE B 39 -45.32 28.16 -19.63
N ILE B 40 -44.14 28.50 -19.09
CA ILE B 40 -42.93 28.17 -19.83
C ILE B 40 -42.76 26.66 -19.93
N ASP B 41 -43.06 25.94 -18.84
CA ASP B 41 -42.97 24.48 -18.85
C ASP B 41 -44.00 23.86 -19.78
N GLN B 42 -45.21 24.42 -19.81
CA GLN B 42 -46.21 23.95 -20.74
C GLN B 42 -45.78 24.17 -22.19
N ASN B 43 -45.15 25.32 -22.48
CA ASN B 43 -44.65 25.56 -23.82
C ASN B 43 -43.65 24.47 -24.24
N VAL B 44 -42.71 24.14 -23.35
CA VAL B 44 -41.72 23.11 -23.67
C VAL B 44 -42.39 21.76 -23.84
N GLN B 45 -43.33 21.41 -22.94
CA GLN B 45 -44.03 20.15 -23.06
C GLN B 45 -44.73 20.02 -24.39
N ALA B 46 -45.31 21.10 -24.90
CA ALA B 46 -46.00 21.04 -26.18
C ALA B 46 -45.06 20.73 -27.34
N LEU B 47 -43.80 21.15 -27.23
CA LEU B 47 -42.82 20.73 -28.23
C LEU B 47 -42.77 19.22 -28.39
N PHE B 48 -43.06 18.48 -27.32
CA PHE B 48 -42.91 17.02 -27.38
C PHE B 48 -44.15 16.31 -27.91
N ASN B 49 -45.25 17.01 -28.15
CA ASN B 49 -46.45 16.40 -28.73
C ASN B 49 -46.18 15.82 -30.10
N GLU B 50 -45.25 16.40 -30.86
CA GLU B 50 -44.93 15.79 -32.15
C GLU B 50 -43.85 14.72 -32.03
N ILE B 51 -43.24 14.52 -30.87
CA ILE B 51 -42.18 13.53 -30.71
C ILE B 51 -42.84 12.23 -30.27
N SER B 52 -42.82 11.22 -31.15
CA SER B 52 -43.46 9.96 -30.81
C SER B 52 -42.54 9.03 -30.05
N ALA B 53 -41.23 9.25 -30.11
CA ALA B 53 -40.29 8.43 -29.36
C ALA B 53 -40.33 8.78 -27.89
N ASP B 54 -40.01 7.79 -27.05
CA ASP B 54 -39.76 8.05 -25.63
C ASP B 54 -38.54 8.96 -25.48
N ALA B 55 -38.70 10.06 -24.72
CA ALA B 55 -37.63 11.04 -24.66
C ALA B 55 -37.72 11.81 -23.35
N VAL B 56 -36.56 12.25 -22.86
CA VAL B 56 -36.49 13.13 -21.71
C VAL B 56 -35.43 14.20 -21.98
N PHE B 57 -35.70 15.39 -21.47
CA PHE B 57 -34.80 16.53 -21.55
C PHE B 57 -34.64 17.02 -20.13
N VAL B 58 -33.44 16.83 -19.58
CA VAL B 58 -33.09 17.23 -18.23
C VAL B 58 -32.27 18.52 -18.30
N THR B 59 -32.57 19.48 -17.41
CA THR B 59 -31.75 20.68 -17.24
C THR B 59 -31.23 20.76 -15.81
N TYR B 60 -30.06 21.37 -15.64
CA TYR B 60 -29.46 21.58 -14.32
C TYR B 60 -28.78 22.93 -14.28
N ASP B 61 -29.12 23.75 -13.29
CA ASP B 61 -28.56 25.09 -13.13
C ASP B 61 -27.64 25.18 -11.92
N GLY B 62 -27.20 24.04 -11.40
CA GLY B 62 -26.40 23.98 -10.20
C GLY B 62 -27.21 23.90 -8.92
N GLN B 63 -28.51 24.18 -8.99
CA GLN B 63 -29.41 24.10 -7.85
C GLN B 63 -30.49 23.05 -8.05
N ASN B 64 -31.27 23.15 -9.13
CA ASN B 64 -32.42 22.29 -9.34
C ASN B 64 -32.31 21.51 -10.64
N ILE B 65 -32.69 20.22 -10.58
CA ILE B 65 -32.97 19.43 -11.77
C ILE B 65 -34.40 19.67 -12.21
N LYS B 66 -34.60 19.86 -13.51
CA LYS B 66 -35.94 19.93 -14.08
C LYS B 66 -36.02 18.98 -15.26
N LYS B 67 -37.17 18.32 -15.41
CA LYS B 67 -37.35 17.25 -16.38
C LYS B 67 -38.52 17.53 -17.30
N TYR B 68 -38.32 17.36 -18.60
CA TYR B 68 -39.36 17.55 -19.59
C TYR B 68 -39.33 16.36 -20.54
N GLY B 69 -40.41 16.19 -21.34
CA GLY B 69 -40.37 15.26 -22.43
C GLY B 69 -41.57 14.34 -22.41
N THR B 70 -41.42 13.19 -23.09
CA THR B 70 -42.53 12.22 -23.22
C THR B 70 -42.44 11.06 -22.24
N HIS B 71 -41.28 10.83 -21.62
CA HIS B 71 -41.14 9.73 -20.66
C HIS B 71 -40.14 10.13 -19.59
N LEU B 72 -40.65 10.70 -18.49
CA LEU B 72 -39.73 11.32 -17.53
C LEU B 72 -38.86 10.32 -16.78
N ASP B 73 -39.28 9.05 -16.68
CA ASP B 73 -38.46 8.08 -15.97
C ASP B 73 -37.13 7.78 -16.67
N ARG B 74 -36.97 8.17 -17.93
CA ARG B 74 -35.68 7.97 -18.59
C ARG B 74 -34.57 8.72 -17.86
N ALA B 75 -34.92 9.79 -17.14
CA ALA B 75 -33.93 10.65 -16.52
C ALA B 75 -33.18 9.92 -15.41
N LYS B 76 -33.80 8.96 -14.75
CA LYS B 76 -33.10 8.19 -13.73
C LYS B 76 -32.74 6.79 -14.21
N THR B 77 -32.91 6.52 -15.51
CA THR B 77 -32.54 5.25 -16.12
C THR B 77 -31.14 5.35 -16.73
N ALA B 78 -30.35 4.30 -16.59
CA ALA B 78 -28.97 4.32 -17.05
C ALA B 78 -28.92 3.79 -18.47
N TYR B 79 -28.20 4.50 -19.35
CA TYR B 79 -27.97 4.07 -20.73
C TYR B 79 -26.48 4.12 -21.02
N ILE B 80 -26.04 3.41 -22.06
CA ILE B 80 -24.63 3.51 -22.45
C ILE B 80 -24.36 4.97 -22.85
N PRO B 81 -23.17 5.51 -22.59
CA PRO B 81 -22.91 6.91 -22.98
C PRO B 81 -22.76 7.10 -24.47
N ALA B 82 -22.47 6.04 -25.22
CA ALA B 82 -22.12 6.14 -26.64
C ALA B 82 -21.10 7.27 -26.84
N SER B 83 -21.29 8.11 -27.88
CA SER B 83 -20.28 9.10 -28.21
C SER B 83 -20.13 10.21 -27.18
N THR B 84 -21.07 10.35 -26.23
CA THR B 84 -20.89 11.33 -25.17
C THR B 84 -19.76 10.99 -24.24
N PHE B 85 -19.33 9.73 -24.21
CA PHE B 85 -18.19 9.36 -23.36
C PHE B 85 -16.90 10.03 -23.80
N LYS B 86 -16.82 10.53 -25.04
CA LYS B 86 -15.60 11.21 -25.49
C LYS B 86 -15.21 12.37 -24.57
N ILE B 87 -16.19 12.99 -23.90
CA ILE B 87 -15.86 14.04 -22.93
C ILE B 87 -15.06 13.45 -21.78
N ALA B 88 -15.53 12.33 -21.25
CA ALA B 88 -14.79 11.68 -20.17
C ALA B 88 -13.46 11.13 -20.66
N ASN B 89 -13.45 10.49 -21.83
CA ASN B 89 -12.23 9.94 -22.42
C ASN B 89 -11.16 11.03 -22.58
N ALA B 90 -11.56 12.19 -23.11
CA ALA B 90 -10.62 13.29 -23.33
C ALA B 90 -10.06 13.82 -22.01
N LEU B 91 -10.93 14.14 -21.04
CA LEU B 91 -10.46 14.57 -19.73
C LEU B 91 -9.45 13.59 -19.15
N ILE B 92 -9.81 12.30 -19.13
CA ILE B 92 -8.94 11.27 -18.57
C ILE B 92 -7.65 11.18 -19.35
N GLY B 93 -7.72 11.24 -20.68
CA GLY B 93 -6.52 11.08 -21.49
C GLY B 93 -5.57 12.26 -21.34
N LEU B 94 -6.11 13.47 -21.23
CA LEU B 94 -5.27 14.65 -21.04
C LEU B 94 -4.74 14.73 -19.61
N GLU B 95 -5.60 14.48 -18.62
CA GLU B 95 -5.18 14.54 -17.22
C GLU B 95 -3.95 13.71 -16.95
N ASN B 96 -3.92 12.49 -17.50
CA ASN B 96 -2.87 11.51 -17.23
C ASN B 96 -1.78 11.51 -18.29
N HIS B 97 -1.76 12.52 -19.16
CA HIS B 97 -0.66 12.75 -20.10
C HIS B 97 -0.52 11.60 -21.08
N LYS B 98 -1.65 11.00 -21.46
CA LYS B 98 -1.68 10.05 -22.57
C LYS B 98 -1.81 10.73 -23.91
N ALA B 99 -2.13 12.02 -23.93
CA ALA B 99 -2.22 12.82 -25.14
C ALA B 99 -2.11 14.28 -24.76
N THR B 100 -1.88 15.12 -25.76
CA THR B 100 -2.03 16.57 -25.64
C THR B 100 -3.18 17.01 -26.52
N SER B 101 -3.63 18.25 -26.30
CA SER B 101 -4.75 18.73 -27.11
C SER B 101 -4.29 19.20 -28.48
N THR B 102 -2.99 19.28 -28.72
CA THR B 102 -2.48 19.66 -30.03
C THR B 102 -1.87 18.49 -30.79
N GLU B 103 -1.64 17.35 -30.14
CA GLU B 103 -1.08 16.20 -30.83
C GLU B 103 -2.05 15.69 -31.90
N ILE B 104 -1.49 15.38 -33.06
CA ILE B 104 -2.24 14.86 -34.20
C ILE B 104 -2.32 13.34 -34.09
N PHE B 105 -3.54 12.81 -34.04
CA PHE B 105 -3.76 11.36 -34.15
C PHE B 105 -3.86 11.01 -35.64
N LYS B 106 -2.81 10.40 -36.17
CA LYS B 106 -2.72 10.17 -37.60
C LYS B 106 -3.52 8.95 -38.01
N TRP B 107 -4.14 9.04 -39.17
CA TRP B 107 -4.83 7.89 -39.75
C TRP B 107 -3.81 6.82 -40.11
N ASP B 108 -4.09 5.56 -39.74
CA ASP B 108 -3.15 4.48 -40.04
C ASP B 108 -3.30 3.93 -41.46
N GLY B 109 -4.15 4.53 -42.28
CA GLY B 109 -4.29 4.12 -43.67
C GLY B 109 -5.33 3.05 -43.90
N LYS B 110 -5.92 2.52 -42.87
CA LYS B 110 -6.92 1.46 -43.01
C LYS B 110 -8.31 2.07 -42.92
N PRO B 111 -9.19 1.77 -43.86
CA PRO B 111 -10.45 2.49 -43.95
C PRO B 111 -11.27 2.33 -42.68
N ARG B 112 -11.91 3.41 -42.28
CA ARG B 112 -12.80 3.43 -41.13
C ARG B 112 -14.24 3.39 -41.59
N PHE B 113 -15.13 3.23 -40.62
CA PHE B 113 -16.55 3.02 -40.92
C PHE B 113 -17.15 4.14 -41.78
N PHE B 114 -16.65 5.37 -41.65
CA PHE B 114 -17.05 6.47 -42.53
C PHE B 114 -15.82 7.06 -43.21
N LYS B 115 -15.94 7.34 -44.51
CA LYS B 115 -14.82 7.93 -45.23
C LYS B 115 -14.40 9.26 -44.62
N ALA B 116 -15.34 9.95 -43.97
CA ALA B 116 -15.02 11.20 -43.30
C ALA B 116 -14.01 11.01 -42.17
N TRP B 117 -13.91 9.81 -41.61
CA TRP B 117 -12.96 9.53 -40.53
C TRP B 117 -11.57 9.13 -41.03
N ASP B 118 -11.38 8.99 -42.34
CA ASP B 118 -10.12 8.47 -42.88
C ASP B 118 -9.13 9.62 -43.12
N LYS B 119 -8.76 10.29 -42.02
CA LYS B 119 -7.84 11.41 -42.08
C LYS B 119 -7.24 11.58 -40.69
N ASP B 120 -6.33 12.55 -40.58
CA ASP B 120 -5.68 12.86 -39.31
C ASP B 120 -6.54 13.81 -38.49
N PHE B 121 -6.47 13.68 -37.17
CA PHE B 121 -7.28 14.49 -36.27
C PHE B 121 -6.52 14.79 -34.99
N THR B 122 -6.62 16.03 -34.54
CA THR B 122 -6.42 16.26 -33.11
C THR B 122 -7.64 15.76 -32.35
N LEU B 123 -7.48 15.62 -31.04
CA LEU B 123 -8.61 15.26 -30.19
C LEU B 123 -9.79 16.23 -30.35
N GLY B 124 -9.49 17.53 -30.54
CA GLY B 124 -10.56 18.50 -30.75
C GLY B 124 -11.26 18.34 -32.08
N GLU B 125 -10.49 18.17 -33.16
CA GLU B 125 -11.11 17.88 -34.45
C GLU B 125 -11.86 16.55 -34.43
N ALA B 126 -11.39 15.57 -33.67
CA ALA B 126 -12.10 14.31 -33.59
C ALA B 126 -13.32 14.41 -32.71
N MET B 127 -13.36 15.40 -31.81
CA MET B 127 -14.57 15.60 -31.03
C MET B 127 -15.71 16.11 -31.91
N GLN B 128 -15.39 17.04 -32.81
CA GLN B 128 -16.40 17.63 -33.67
C GLN B 128 -16.84 16.66 -34.75
N ALA B 129 -15.89 15.92 -35.31
CA ALA B 129 -16.20 14.89 -36.28
C ALA B 129 -16.76 13.62 -35.62
N SER B 130 -16.63 13.51 -34.30
CA SER B 130 -17.07 12.32 -33.56
CA SER B 130 -17.02 12.33 -33.52
C SER B 130 -16.36 11.06 -34.08
N THR B 131 -15.06 11.18 -34.35
CA THR B 131 -14.24 10.11 -34.90
C THR B 131 -13.97 9.06 -33.85
N VAL B 132 -14.80 8.02 -33.83
CA VAL B 132 -14.66 6.97 -32.82
C VAL B 132 -13.28 6.34 -32.79
N PRO B 133 -12.67 5.93 -33.91
CA PRO B 133 -11.36 5.24 -33.80
C PRO B 133 -10.27 6.07 -33.15
N VAL B 134 -10.31 7.41 -33.30
CA VAL B 134 -9.34 8.26 -32.61
C VAL B 134 -9.49 8.14 -31.10
N TYR B 135 -10.74 8.12 -30.62
CA TYR B 135 -10.97 7.99 -29.19
C TYR B 135 -10.82 6.56 -28.70
N GLN B 136 -10.94 5.56 -29.57
CA GLN B 136 -10.54 4.22 -29.15
C GLN B 136 -9.02 4.13 -28.97
N GLU B 137 -8.24 4.81 -29.82
CA GLU B 137 -6.79 4.78 -29.60
C GLU B 137 -6.44 5.42 -28.27
N LEU B 138 -7.12 6.53 -27.94
CA LEU B 138 -6.89 7.17 -26.65
C LEU B 138 -7.20 6.23 -25.51
N ALA B 139 -8.36 5.53 -25.60
CA ALA B 139 -8.72 4.56 -24.58
C ALA B 139 -7.65 3.49 -24.45
N ARG B 140 -7.09 3.04 -25.57
CA ARG B 140 -6.07 2.00 -25.52
C ARG B 140 -4.75 2.53 -24.94
N ARG B 141 -4.39 3.80 -25.19
CA ARG B 141 -3.24 4.37 -24.48
C ARG B 141 -3.50 4.44 -22.98
N ILE B 142 -4.73 4.79 -22.60
CA ILE B 142 -5.05 4.94 -21.19
C ILE B 142 -4.95 3.60 -20.48
N GLY B 143 -5.39 2.53 -21.14
CA GLY B 143 -5.27 1.20 -20.59
C GLY B 143 -6.48 0.87 -19.75
N PRO B 144 -6.81 -0.42 -19.64
CA PRO B 144 -7.98 -0.80 -18.83
C PRO B 144 -7.83 -0.47 -17.36
N SER B 145 -6.61 -0.60 -16.81
CA SER B 145 -6.40 -0.37 -15.39
C SER B 145 -6.58 1.09 -15.02
N LEU B 146 -5.99 2.00 -15.79
CA LEU B 146 -6.15 3.40 -15.49
C LEU B 146 -7.57 3.86 -15.79
N MET B 147 -8.18 3.35 -16.87
CA MET B 147 -9.53 3.80 -17.19
C MET B 147 -10.49 3.46 -16.07
N GLN B 148 -10.35 2.24 -15.52
CA GLN B 148 -11.23 1.79 -14.45
C GLN B 148 -11.12 2.66 -13.20
N SER B 149 -9.89 2.92 -12.75
CA SER B 149 -9.73 3.68 -11.52
C SER B 149 -10.07 5.16 -11.70
N GLU B 150 -9.85 5.72 -12.89
CA GLU B 150 -10.26 7.11 -13.11
C GLU B 150 -11.78 7.23 -13.09
N LEU B 151 -12.48 6.29 -13.73
CA LEU B 151 -13.94 6.31 -13.70
C LEU B 151 -14.46 6.17 -12.27
N GLN B 152 -13.81 5.33 -11.47
CA GLN B 152 -14.20 5.25 -10.06
C GLN B 152 -13.86 6.54 -9.32
N ARG B 153 -12.69 7.12 -9.60
CA ARG B 153 -12.32 8.35 -8.91
C ARG B 153 -13.36 9.44 -9.13
N ILE B 154 -13.86 9.58 -10.36
CA ILE B 154 -14.79 10.65 -10.67
C ILE B 154 -16.25 10.21 -10.61
N GLY B 155 -16.52 8.94 -10.35
CA GLY B 155 -17.89 8.45 -10.19
C GLY B 155 -18.76 8.49 -11.43
N TYR B 156 -18.20 8.15 -12.59
CA TYR B 156 -18.91 8.24 -13.86
C TYR B 156 -19.83 7.02 -14.03
N GLY B 157 -21.14 7.24 -13.94
CA GLY B 157 -22.10 6.18 -14.20
C GLY B 157 -21.89 4.99 -13.29
N ASN B 158 -22.09 3.78 -13.85
CA ASN B 158 -21.81 2.58 -13.06
C ASN B 158 -20.33 2.21 -13.07
N MET B 159 -19.48 2.99 -13.74
CA MET B 159 -18.02 2.82 -13.65
C MET B 159 -17.57 1.40 -13.98
N GLN B 160 -18.23 0.74 -14.93
CA GLN B 160 -17.84 -0.60 -15.36
C GLN B 160 -17.28 -0.54 -16.77
N ILE B 161 -16.15 -1.21 -17.00
CA ILE B 161 -15.55 -1.25 -18.33
C ILE B 161 -15.44 -2.65 -18.90
N GLY B 162 -15.55 -3.71 -18.11
CA GLY B 162 -15.41 -5.01 -18.75
C GLY B 162 -13.98 -5.27 -19.21
N THR B 163 -13.84 -6.02 -20.29
CA THR B 163 -12.52 -6.46 -20.74
C THR B 163 -12.02 -5.76 -21.99
N GLU B 164 -12.85 -4.97 -22.66
CA GLU B 164 -12.47 -4.36 -23.92
C GLU B 164 -12.40 -2.86 -23.72
N VAL B 165 -11.19 -2.31 -23.68
CA VAL B 165 -11.02 -0.92 -23.24
C VAL B 165 -11.47 0.06 -24.32
N ASP B 166 -11.63 -0.38 -25.57
CA ASP B 166 -12.06 0.47 -26.66
C ASP B 166 -13.52 0.20 -27.05
N GLN B 167 -14.29 -0.48 -26.19
CA GLN B 167 -15.67 -0.86 -26.54
C GLN B 167 -16.70 -0.58 -25.45
N PHE B 168 -16.29 -0.34 -24.20
CA PHE B 168 -17.20 -0.41 -23.08
C PHE B 168 -18.25 0.70 -23.09
N TRP B 169 -17.97 1.83 -23.73
CA TRP B 169 -18.96 2.91 -23.82
C TRP B 169 -19.86 2.76 -25.02
N LEU B 170 -19.54 1.84 -25.93
CA LEU B 170 -20.25 1.63 -27.19
C LEU B 170 -21.26 0.50 -27.13
N LYS B 171 -21.04 -0.48 -26.26
CA LYS B 171 -21.95 -1.61 -26.18
C LYS B 171 -22.18 -2.07 -24.75
N GLY B 172 -21.77 -1.30 -23.75
CA GLY B 172 -21.81 -1.75 -22.38
C GLY B 172 -20.48 -2.36 -22.02
N PRO B 173 -20.24 -2.61 -20.73
CA PRO B 173 -21.15 -2.49 -19.59
C PRO B 173 -21.34 -1.10 -19.02
N LEU B 174 -20.58 -0.09 -19.44
CA LEU B 174 -20.71 1.24 -18.85
C LEU B 174 -22.06 1.84 -19.20
N THR B 175 -22.77 2.31 -18.16
CA THR B 175 -24.04 3.01 -18.32
C THR B 175 -24.06 4.19 -17.37
N ILE B 176 -24.88 5.18 -17.72
CA ILE B 176 -25.01 6.43 -16.97
C ILE B 176 -26.40 6.99 -17.21
N THR B 177 -27.00 7.60 -16.17
CA THR B 177 -28.32 8.22 -16.30
C THR B 177 -28.19 9.60 -16.92
N PRO B 178 -29.28 10.11 -17.50
CA PRO B 178 -29.27 11.50 -17.97
C PRO B 178 -29.01 12.52 -16.87
N ILE B 179 -29.49 12.28 -15.65
CA ILE B 179 -29.18 13.17 -14.54
C ILE B 179 -27.68 13.19 -14.26
N GLN B 180 -27.03 12.01 -14.24
CA GLN B 180 -25.59 11.97 -14.01
C GLN B 180 -24.85 12.71 -15.10
N GLU B 181 -25.26 12.53 -16.35
CA GLU B 181 -24.64 13.24 -17.46
C GLU B 181 -24.74 14.74 -17.28
N VAL B 182 -25.92 15.23 -16.90
CA VAL B 182 -26.12 16.68 -16.88
C VAL B 182 -25.31 17.30 -15.76
N LYS B 183 -25.15 16.58 -14.64
CA LYS B 183 -24.32 17.10 -13.55
C LYS B 183 -22.85 17.06 -13.94
N PHE B 184 -22.44 16.02 -14.65
CA PHE B 184 -21.09 15.92 -15.16
C PHE B 184 -20.75 17.12 -16.04
N VAL B 185 -21.60 17.41 -17.03
CA VAL B 185 -21.19 18.49 -17.92
C VAL B 185 -21.38 19.85 -17.25
N TYR B 186 -22.34 19.98 -16.33
CA TYR B 186 -22.39 21.20 -15.53
C TYR B 186 -21.08 21.46 -14.82
N ASP B 187 -20.53 20.43 -14.17
CA ASP B 187 -19.27 20.59 -13.43
C ASP B 187 -18.13 20.93 -14.37
N LEU B 188 -18.10 20.32 -15.56
CA LEU B 188 -17.12 20.72 -16.57
C LEU B 188 -17.22 22.20 -16.90
N ALA B 189 -18.46 22.71 -17.07
CA ALA B 189 -18.60 24.12 -17.45
C ALA B 189 -18.07 25.04 -16.36
N GLN B 190 -18.19 24.64 -15.10
CA GLN B 190 -17.76 25.46 -13.99
C GLN B 190 -16.32 25.16 -13.58
N GLY B 191 -15.64 24.25 -14.25
CA GLY B 191 -14.30 23.88 -13.84
C GLY B 191 -14.26 23.16 -12.50
N GLN B 192 -15.35 22.48 -12.14
CA GLN B 192 -15.49 21.85 -10.83
C GLN B 192 -15.27 20.35 -10.87
N LEU B 193 -14.99 19.79 -12.05
CA LEU B 193 -14.66 18.39 -12.12
C LEU B 193 -13.32 18.13 -11.44
N PRO B 194 -13.06 16.90 -11.00
CA PRO B 194 -11.78 16.56 -10.36
C PRO B 194 -10.63 16.38 -11.36
N PHE B 195 -10.42 17.39 -12.20
CA PHE B 195 -9.35 17.41 -13.19
C PHE B 195 -8.64 18.76 -13.13
N LYS B 196 -7.46 18.82 -13.75
CA LYS B 196 -6.74 20.09 -13.79
C LYS B 196 -7.58 21.12 -14.51
N PRO B 197 -7.53 22.40 -14.10
CA PRO B 197 -8.36 23.42 -14.78
C PRO B 197 -8.07 23.54 -16.26
N GLU B 198 -6.80 23.48 -16.62
CA GLU B 198 -6.40 23.59 -18.02
C GLU B 198 -6.89 22.41 -18.84
N VAL B 199 -6.91 21.22 -18.25
CA VAL B 199 -7.50 20.06 -18.91
C VAL B 199 -9.00 20.25 -19.10
N GLN B 200 -9.70 20.73 -18.05
CA GLN B 200 -11.13 21.01 -18.18
C GLN B 200 -11.40 22.09 -19.21
N GLN B 201 -10.57 23.14 -19.24
CA GLN B 201 -10.77 24.20 -20.22
C GLN B 201 -10.56 23.70 -21.64
N GLN B 202 -9.54 22.86 -21.86
CA GLN B 202 -9.30 22.34 -23.21
C GLN B 202 -10.45 21.47 -23.71
N VAL B 203 -11.00 20.61 -22.84
CA VAL B 203 -12.08 19.72 -23.25
C VAL B 203 -13.38 20.51 -23.42
N LYS B 204 -13.61 21.49 -22.55
CA LYS B 204 -14.78 22.36 -22.71
C LYS B 204 -14.82 23.01 -24.09
N GLU B 205 -13.67 23.52 -24.58
CA GLU B 205 -13.73 24.22 -25.85
C GLU B 205 -13.78 23.30 -27.07
N MET B 206 -13.39 22.03 -26.91
CA MET B 206 -13.67 21.02 -27.93
C MET B 206 -15.17 20.89 -28.20
N LEU B 207 -16.00 21.21 -27.22
CA LEU B 207 -17.44 21.04 -27.33
C LEU B 207 -18.15 22.27 -27.83
N TYR B 208 -17.42 23.34 -28.17
CA TYR B 208 -18.08 24.59 -28.48
C TYR B 208 -18.82 24.49 -29.81
N VAL B 209 -20.07 24.94 -29.82
CA VAL B 209 -20.94 24.86 -30.99
C VAL B 209 -21.18 26.22 -31.62
N GLU B 210 -21.70 27.17 -30.84
CA GLU B 210 -22.06 28.46 -31.41
C GLU B 210 -22.39 29.44 -30.28
N ARG B 211 -22.42 30.72 -30.62
CA ARG B 211 -22.83 31.75 -29.67
C ARG B 211 -23.89 32.65 -30.28
N ARG B 212 -24.70 33.21 -29.40
CA ARG B 212 -25.66 34.27 -29.72
C ARG B 212 -25.42 35.36 -28.70
N GLY B 213 -25.01 36.53 -29.15
CA GLY B 213 -24.49 37.49 -28.20
C GLY B 213 -23.25 36.88 -27.58
N GLU B 214 -23.15 36.94 -26.25
CA GLU B 214 -22.11 36.22 -25.54
C GLU B 214 -22.68 35.08 -24.70
N ASN B 215 -23.87 34.59 -25.05
CA ASN B 215 -24.31 33.28 -24.58
C ASN B 215 -23.68 32.21 -25.45
N ARG B 216 -22.99 31.27 -24.83
CA ARG B 216 -22.26 30.25 -25.56
C ARG B 216 -22.91 28.89 -25.37
N LEU B 217 -23.12 28.18 -26.48
CA LEU B 217 -23.65 26.83 -26.44
C LEU B 217 -22.53 25.83 -26.66
N TYR B 218 -22.43 24.85 -25.77
CA TYR B 218 -21.55 23.70 -25.91
C TYR B 218 -22.43 22.45 -25.91
N ALA B 219 -22.10 21.49 -26.77
CA ALA B 219 -22.91 20.28 -26.87
C ALA B 219 -22.11 19.14 -27.48
N LYS B 220 -22.60 17.93 -27.22
CA LYS B 220 -22.03 16.69 -27.72
C LYS B 220 -23.17 15.72 -27.97
N SER B 221 -23.33 15.28 -29.22
CA SER B 221 -24.40 14.36 -29.56
C SER B 221 -23.91 12.92 -29.45
N GLY B 222 -24.85 12.00 -29.33
CA GLY B 222 -24.49 10.60 -29.31
C GLY B 222 -25.63 9.71 -29.77
N TRP B 223 -25.33 8.72 -30.59
CA TRP B 223 -26.33 7.76 -31.04
C TRP B 223 -25.71 6.38 -30.86
N GLY B 224 -26.11 5.72 -29.79
CA GLY B 224 -25.65 4.37 -29.52
C GLY B 224 -26.46 3.36 -30.30
N MET B 225 -25.92 2.93 -31.43
CA MET B 225 -26.60 2.00 -32.31
C MET B 225 -26.33 0.53 -31.97
N ALA B 226 -25.31 0.23 -31.17
CA ALA B 226 -24.92 -1.14 -30.92
C ALA B 226 -25.67 -1.79 -29.77
N VAL B 227 -26.67 -1.13 -29.19
CA VAL B 227 -27.48 -1.75 -28.14
C VAL B 227 -28.95 -1.66 -28.54
N ASP B 228 -29.77 -2.50 -27.89
CA ASP B 228 -31.22 -2.53 -28.04
C ASP B 228 -31.89 -2.13 -26.74
N PRO B 229 -32.79 -1.13 -26.73
CA PRO B 229 -33.07 -0.22 -27.85
C PRO B 229 -31.93 0.76 -28.04
N GLN B 230 -31.81 1.33 -29.23
CA GLN B 230 -30.78 2.34 -29.44
C GLN B 230 -31.10 3.57 -28.61
N VAL B 231 -30.06 4.34 -28.31
CA VAL B 231 -30.16 5.48 -27.41
C VAL B 231 -29.57 6.69 -28.11
N GLY B 232 -30.27 7.80 -28.05
CA GLY B 232 -29.81 9.05 -28.64
C GLY B 232 -29.57 10.07 -27.55
N TRP B 233 -28.46 10.78 -27.65
CA TRP B 233 -28.06 11.78 -26.69
C TRP B 233 -27.83 13.12 -27.37
N TYR B 234 -28.12 14.20 -26.64
CA TYR B 234 -27.62 15.53 -26.98
C TYR B 234 -27.41 16.19 -25.63
N VAL B 235 -26.15 16.30 -25.23
CA VAL B 235 -25.77 16.70 -23.89
C VAL B 235 -24.92 17.97 -24.03
N GLY B 236 -25.13 18.93 -23.14
CA GLY B 236 -24.38 20.17 -23.28
C GLY B 236 -24.72 21.19 -22.22
N PHE B 237 -24.34 22.44 -22.50
CA PHE B 237 -24.65 23.51 -21.56
C PHE B 237 -24.56 24.84 -22.27
N VAL B 238 -25.35 25.79 -21.77
CA VAL B 238 -25.29 27.18 -22.20
C VAL B 238 -24.63 27.97 -21.09
N GLU B 239 -23.64 28.76 -21.46
CA GLU B 239 -22.94 29.64 -20.54
C GLU B 239 -23.48 31.03 -20.79
N LYS B 240 -24.18 31.58 -19.81
CA LYS B 240 -24.72 32.92 -19.96
C LYS B 240 -23.61 33.96 -19.81
N ALA B 241 -23.98 35.23 -20.04
CA ALA B 241 -22.99 36.30 -19.99
C ALA B 241 -22.43 36.48 -18.58
N ASP B 242 -23.31 36.56 -17.59
CA ASP B 242 -22.97 36.70 -16.18
C ASP B 242 -22.21 35.49 -15.62
N GLY B 243 -21.90 34.45 -16.40
CA GLY B 243 -21.25 33.28 -15.87
C GLY B 243 -22.18 32.19 -15.37
N GLN B 244 -23.49 32.43 -15.36
CA GLN B 244 -24.41 31.36 -15.03
C GLN B 244 -24.38 30.31 -16.13
N VAL B 245 -24.62 29.07 -15.73
CA VAL B 245 -24.61 27.95 -16.66
C VAL B 245 -25.90 27.18 -16.47
N VAL B 246 -26.55 26.83 -17.57
CA VAL B 246 -27.61 25.84 -17.58
C VAL B 246 -27.15 24.66 -18.43
N ALA B 247 -26.88 23.54 -17.78
CA ALA B 247 -26.58 22.28 -18.48
C ALA B 247 -27.86 21.57 -18.87
N PHE B 248 -27.79 20.78 -19.95
CA PHE B 248 -28.94 20.05 -20.43
C PHE B 248 -28.53 18.68 -20.94
N ALA B 249 -29.45 17.73 -20.90
CA ALA B 249 -29.23 16.42 -21.52
C ALA B 249 -30.54 15.95 -22.13
N LEU B 250 -30.57 15.89 -23.46
CA LEU B 250 -31.62 15.15 -24.15
C LEU B 250 -31.22 13.68 -24.19
N ASN B 251 -32.18 12.79 -23.93
CA ASN B 251 -31.94 11.36 -24.01
C ASN B 251 -33.20 10.71 -24.55
N MET B 252 -33.10 10.07 -25.71
CA MET B 252 -34.29 9.53 -26.36
C MET B 252 -33.98 8.19 -26.99
N GLN B 253 -35.05 7.42 -27.20
CA GLN B 253 -34.93 6.17 -27.91
C GLN B 253 -34.84 6.46 -29.39
N MET B 254 -33.87 5.86 -30.05
CA MET B 254 -33.66 5.97 -31.47
C MET B 254 -34.04 4.65 -32.13
N LYS B 255 -34.28 4.74 -33.43
CA LYS B 255 -34.41 3.56 -34.25
C LYS B 255 -33.87 3.91 -35.62
N ALA B 256 -33.43 2.87 -36.33
CA ALA B 256 -32.74 3.04 -37.61
C ALA B 256 -33.61 3.83 -38.57
N GLY B 257 -33.00 4.81 -39.24
CA GLY B 257 -33.72 5.68 -40.16
C GLY B 257 -34.21 6.97 -39.56
N ASP B 258 -34.06 7.19 -38.26
CA ASP B 258 -34.41 8.47 -37.67
C ASP B 258 -33.54 9.59 -38.22
N ASP B 259 -34.08 10.80 -38.22
CA ASP B 259 -33.34 11.97 -38.69
C ASP B 259 -32.21 12.28 -37.73
N ILE B 260 -30.99 12.31 -38.27
CA ILE B 260 -29.79 12.63 -37.49
C ILE B 260 -29.91 14.00 -36.85
N ALA B 261 -30.56 14.95 -37.52
CA ALA B 261 -30.63 16.34 -37.09
C ALA B 261 -31.62 16.58 -35.95
N LEU B 262 -32.46 15.61 -35.61
CA LEU B 262 -33.60 15.94 -34.74
C LEU B 262 -33.16 16.23 -33.31
N ARG B 263 -32.15 15.51 -32.81
CA ARG B 263 -31.74 15.71 -31.42
C ARG B 263 -31.34 17.15 -31.16
N LYS B 264 -30.60 17.76 -32.10
CA LYS B 264 -30.11 19.13 -31.93
C LYS B 264 -31.22 20.14 -32.17
N GLN B 265 -32.01 19.96 -33.23
CA GLN B 265 -33.18 20.81 -33.46
C GLN B 265 -34.12 20.79 -32.27
N LEU B 266 -34.45 19.61 -31.75
CA LEU B 266 -35.34 19.54 -30.60
C LEU B 266 -34.74 20.24 -29.38
N SER B 267 -33.46 20.02 -29.12
CA SER B 267 -32.83 20.62 -27.96
C SER B 267 -32.78 22.14 -28.09
N LEU B 268 -32.45 22.64 -29.29
CA LEU B 268 -32.44 24.08 -29.51
C LEU B 268 -33.83 24.68 -29.38
N ASP B 269 -34.86 23.93 -29.81
CA ASP B 269 -36.23 24.38 -29.58
C ASP B 269 -36.55 24.48 -28.10
N VAL B 270 -36.10 23.50 -27.31
CA VAL B 270 -36.38 23.51 -25.89
C VAL B 270 -35.67 24.67 -25.22
N LEU B 271 -34.39 24.84 -25.52
CA LEU B 271 -33.60 25.93 -24.92
C LEU B 271 -34.19 27.29 -25.28
N ASP B 272 -34.71 27.44 -26.49
CA ASP B 272 -35.36 28.70 -26.84
C ASP B 272 -36.67 28.87 -26.07
N LYS B 273 -37.47 27.81 -25.96
CA LYS B 273 -38.72 27.91 -25.20
C LYS B 273 -38.44 28.26 -23.75
N LEU B 274 -37.36 27.72 -23.18
CA LEU B 274 -37.05 28.01 -21.79
C LEU B 274 -36.52 29.43 -21.60
N GLY B 275 -36.17 30.13 -22.68
CA GLY B 275 -35.51 31.42 -22.54
C GLY B 275 -34.05 31.35 -22.18
N VAL B 276 -33.44 30.17 -22.33
CA VAL B 276 -32.04 29.94 -21.97
C VAL B 276 -31.11 30.25 -23.15
N PHE B 277 -31.57 29.98 -24.37
CA PHE B 277 -30.83 30.18 -25.61
C PHE B 277 -31.87 30.57 -26.66
N HIS B 278 -32.25 31.86 -26.61
CA HIS B 278 -33.24 32.40 -27.54
C HIS B 278 -32.74 32.34 -28.97
N TYR B 279 -33.63 31.96 -29.89
CA TYR B 279 -33.35 32.19 -31.31
C TYR B 279 -33.18 33.68 -31.57
N LEU B 280 -32.34 34.01 -32.54
CA LEU B 280 -32.29 35.39 -32.99
C LEU B 280 -33.63 35.72 -33.67
N SER C 38 2.68 7.56 -2.58
CA SER C 38 1.63 6.58 -2.30
C SER C 38 1.85 5.92 -0.95
N ILE C 39 3.12 5.66 -0.60
CA ILE C 39 3.44 5.40 0.80
C ILE C 39 3.28 6.68 1.63
N ILE C 40 3.51 7.85 1.01
CA ILE C 40 3.32 9.08 1.76
C ILE C 40 1.83 9.29 2.01
N ASP C 41 0.99 8.88 1.06
CA ASP C 41 -0.45 8.87 1.27
C ASP C 41 -0.84 7.93 2.41
N GLN C 42 -0.15 6.79 2.55
CA GLN C 42 -0.50 5.91 3.67
C GLN C 42 0.15 6.36 4.97
N ASN C 43 1.28 7.07 4.89
CA ASN C 43 1.84 7.70 6.09
C ASN C 43 0.89 8.75 6.67
N VAL C 44 0.27 9.55 5.80
CA VAL C 44 -0.65 10.60 6.28
C VAL C 44 -1.91 9.97 6.87
N GLN C 45 -2.49 8.98 6.18
CA GLN C 45 -3.66 8.30 6.72
C GLN C 45 -3.36 7.68 8.08
N ALA C 46 -2.15 7.16 8.26
CA ALA C 46 -1.82 6.56 9.55
C ALA C 46 -1.76 7.59 10.65
N LEU C 47 -1.44 8.86 10.32
CA LEU C 47 -1.59 9.92 11.30
C LEU C 47 -3.01 9.96 11.85
N PHE C 48 -4.01 9.74 11.00
CA PHE C 48 -5.39 9.87 11.43
C PHE C 48 -5.93 8.64 12.14
N ASN C 49 -5.27 7.48 12.02
CA ASN C 49 -5.70 6.30 12.76
C ASN C 49 -5.85 6.57 14.25
N GLU C 50 -5.15 7.58 14.76
CA GLU C 50 -5.17 7.89 16.17
C GLU C 50 -6.16 8.98 16.52
N ILE C 51 -6.66 9.72 15.53
CA ILE C 51 -7.63 10.77 15.76
C ILE C 51 -9.02 10.17 15.82
N SER C 52 -9.71 10.37 16.94
CA SER C 52 -11.04 9.79 17.06
C SER C 52 -12.11 10.62 16.35
N ALA C 53 -11.90 11.92 16.21
CA ALA C 53 -12.90 12.78 15.61
C ALA C 53 -12.97 12.60 14.09
N ASP C 54 -14.17 12.79 13.55
CA ASP C 54 -14.32 12.93 12.10
C ASP C 54 -13.53 14.13 11.61
N ALA C 55 -12.70 13.90 10.60
CA ALA C 55 -11.75 14.91 10.15
C ALA C 55 -11.45 14.69 8.69
N VAL C 56 -11.27 15.78 7.95
CA VAL C 56 -10.77 15.77 6.59
C VAL C 56 -9.67 16.82 6.49
N PHE C 57 -8.67 16.53 5.65
CA PHE C 57 -7.58 17.46 5.36
C PHE C 57 -7.49 17.55 3.86
N VAL C 58 -7.73 18.74 3.31
CA VAL C 58 -7.75 18.95 1.87
C VAL C 58 -6.51 19.74 1.49
N THR C 59 -5.86 19.33 0.40
CA THR C 59 -4.80 20.16 -0.18
C THR C 59 -5.18 20.54 -1.60
N TYR C 60 -4.66 21.70 -2.03
CA TYR C 60 -4.83 22.19 -3.39
C TYR C 60 -3.53 22.84 -3.81
N ASP C 61 -3.07 22.55 -5.02
CA ASP C 61 -1.83 23.12 -5.54
C ASP C 61 -2.09 23.89 -6.82
N GLY C 62 -3.31 24.37 -7.03
CA GLY C 62 -3.69 24.96 -8.30
C GLY C 62 -3.98 23.97 -9.40
N GLN C 63 -3.89 22.66 -9.12
CA GLN C 63 -4.05 21.63 -10.14
C GLN C 63 -5.09 20.60 -9.72
N ASN C 64 -4.84 19.96 -8.58
CA ASN C 64 -5.72 18.90 -8.12
C ASN C 64 -5.96 19.05 -6.64
N ILE C 65 -7.20 18.76 -6.24
CA ILE C 65 -7.58 18.56 -4.85
C ILE C 65 -7.16 17.16 -4.41
N LYS C 66 -6.61 17.05 -3.21
CA LYS C 66 -6.32 15.77 -2.58
C LYS C 66 -6.94 15.79 -1.20
N LYS C 67 -7.51 14.66 -0.81
CA LYS C 67 -8.24 14.55 0.45
C LYS C 67 -7.62 13.47 1.32
N TYR C 68 -7.47 13.76 2.61
CA TYR C 68 -6.98 12.82 3.59
C TYR C 68 -7.87 12.92 4.81
N GLY C 69 -7.73 11.98 5.76
CA GLY C 69 -8.46 12.06 7.01
C GLY C 69 -9.33 10.85 7.26
N THR C 70 -10.16 10.96 8.31
CA THR C 70 -11.02 9.88 8.74
C THR C 70 -12.42 9.93 8.16
N HIS C 71 -12.84 11.07 7.63
CA HIS C 71 -14.17 11.13 7.03
C HIS C 71 -14.08 12.06 5.82
N LEU C 72 -13.86 11.47 4.64
CA LEU C 72 -13.52 12.26 3.47
C LEU C 72 -14.71 13.05 2.93
N ASP C 73 -15.94 12.65 3.26
CA ASP C 73 -17.10 13.38 2.76
C ASP C 73 -17.25 14.76 3.41
N ARG C 74 -16.61 15.02 4.54
CA ARG C 74 -16.58 16.39 5.08
C ARG C 74 -16.05 17.39 4.04
N ALA C 75 -15.19 16.95 3.11
CA ALA C 75 -14.59 17.90 2.18
C ALA C 75 -15.63 18.57 1.28
N LYS C 76 -16.75 17.91 1.03
CA LYS C 76 -17.83 18.43 0.20
C LYS C 76 -19.00 18.92 1.02
N THR C 77 -18.90 18.88 2.35
CA THR C 77 -19.96 19.30 3.24
C THR C 77 -19.72 20.76 3.65
N ALA C 78 -20.77 21.57 3.57
CA ALA C 78 -20.65 22.99 3.90
C ALA C 78 -20.74 23.17 5.41
N TYR C 79 -19.81 23.94 5.98
CA TYR C 79 -19.82 24.27 7.41
C TYR C 79 -19.73 25.78 7.58
N ILE C 80 -20.11 26.29 8.75
CA ILE C 80 -19.90 27.74 8.95
C ILE C 80 -18.39 28.00 8.92
N PRO C 81 -17.94 29.16 8.43
CA PRO C 81 -16.49 29.41 8.42
C PRO C 81 -15.92 29.77 9.77
N ALA C 82 -16.74 30.26 10.69
CA ALA C 82 -16.27 30.77 11.97
C ALA C 82 -15.10 31.74 11.77
N SER C 83 -14.08 31.67 12.62
CA SER C 83 -13.00 32.66 12.56
C SER C 83 -12.22 32.64 11.26
N THR C 84 -12.32 31.59 10.42
CA THR C 84 -11.66 31.67 9.12
C THR C 84 -12.28 32.74 8.23
N PHE C 85 -13.49 33.21 8.55
CA PHE C 85 -14.12 34.26 7.74
C PHE C 85 -13.36 35.58 7.85
N LYS C 86 -12.54 35.75 8.88
CA LYS C 86 -11.74 36.97 8.99
C LYS C 86 -10.92 37.24 7.73
N ILE C 87 -10.48 36.19 7.03
CA ILE C 87 -9.78 36.37 5.75
C ILE C 87 -10.62 37.23 4.81
N ALA C 88 -11.85 36.78 4.54
CA ALA C 88 -12.70 37.48 3.59
C ALA C 88 -13.13 38.82 4.16
N ASN C 89 -13.36 38.87 5.47
CA ASN C 89 -13.82 40.09 6.11
C ASN C 89 -12.76 41.18 5.99
N ALA C 90 -11.51 40.83 6.30
CA ALA C 90 -10.38 41.76 6.10
C ALA C 90 -10.27 42.21 4.65
N LEU C 91 -10.30 41.28 3.72
CA LEU C 91 -10.24 41.66 2.30
C LEU C 91 -11.34 42.66 1.95
N ILE C 92 -12.60 42.33 2.28
CA ILE C 92 -13.73 43.18 1.89
C ILE C 92 -13.61 44.56 2.52
N GLY C 93 -13.24 44.61 3.79
CA GLY C 93 -13.13 45.89 4.48
C GLY C 93 -12.02 46.77 3.92
N LEU C 94 -10.83 46.19 3.68
CA LEU C 94 -9.74 46.97 3.11
C LEU C 94 -10.04 47.39 1.69
N GLU C 95 -10.66 46.51 0.91
CA GLU C 95 -10.94 46.84 -0.49
C GLU C 95 -11.90 48.03 -0.59
N ASN C 96 -12.86 48.13 0.34
CA ASN C 96 -13.89 49.15 0.25
C ASN C 96 -13.68 50.29 1.24
N HIS C 97 -12.47 50.47 1.73
CA HIS C 97 -12.11 51.67 2.48
C HIS C 97 -12.89 51.77 3.78
N LYS C 98 -13.09 50.63 4.42
CA LYS C 98 -13.72 50.62 5.73
C LYS C 98 -12.70 50.55 6.86
N ALA C 99 -11.46 50.21 6.53
CA ALA C 99 -10.37 50.10 7.49
C ALA C 99 -9.07 50.15 6.71
N THR C 100 -7.98 50.33 7.45
CA THR C 100 -6.64 50.14 6.94
C THR C 100 -5.93 49.12 7.82
N SER C 101 -4.85 48.58 7.28
CA SER C 101 -4.07 47.62 8.04
C SER C 101 -3.21 48.27 9.12
N THR C 102 -3.15 49.61 9.17
CA THR C 102 -2.40 50.24 10.24
C THR C 102 -3.31 50.91 11.27
N GLU C 103 -4.58 51.05 10.99
CA GLU C 103 -5.42 51.80 11.90
C GLU C 103 -5.79 50.92 13.09
N ILE C 104 -5.81 51.54 14.26
CA ILE C 104 -6.03 50.82 15.51
C ILE C 104 -7.52 50.85 15.84
N PHE C 105 -8.12 49.69 15.98
CA PHE C 105 -9.49 49.59 16.47
C PHE C 105 -9.47 49.75 17.99
N LYS C 106 -9.96 50.87 18.48
CA LYS C 106 -9.93 51.14 19.92
C LYS C 106 -10.92 50.26 20.66
N TRP C 107 -10.48 49.66 21.76
CA TRP C 107 -11.41 49.00 22.68
C TRP C 107 -12.31 50.04 23.32
N ASP C 108 -13.61 49.76 23.35
CA ASP C 108 -14.58 50.70 23.90
C ASP C 108 -14.80 50.56 25.40
N GLY C 109 -14.10 49.65 26.07
CA GLY C 109 -14.27 49.47 27.50
C GLY C 109 -15.28 48.41 27.92
N LYS C 110 -16.05 47.84 27.00
CA LYS C 110 -17.01 46.79 27.34
C LYS C 110 -16.30 45.44 27.34
N PRO C 111 -16.33 44.69 28.45
CA PRO C 111 -15.60 43.41 28.49
C PRO C 111 -16.09 42.45 27.42
N ARG C 112 -15.14 41.72 26.84
CA ARG C 112 -15.38 40.81 25.74
C ARG C 112 -15.28 39.37 26.24
N PHE C 113 -15.64 38.42 25.37
CA PHE C 113 -15.78 37.03 25.80
C PHE C 113 -14.50 36.48 26.43
N PHE C 114 -13.35 37.00 26.02
CA PHE C 114 -12.07 36.65 26.62
C PHE C 114 -11.39 37.93 27.08
N LYS C 115 -10.78 37.87 28.26
CA LYS C 115 -10.03 39.01 28.77
C LYS C 115 -8.94 39.43 27.79
N ALA C 116 -8.35 38.47 27.07
CA ALA C 116 -7.29 38.79 26.11
C ALA C 116 -7.74 39.77 25.04
N TRP C 117 -9.05 39.88 24.80
CA TRP C 117 -9.57 40.75 23.75
C TRP C 117 -9.83 42.17 24.22
N ASP C 118 -9.71 42.46 25.53
CA ASP C 118 -10.01 43.77 26.09
C ASP C 118 -8.81 44.73 25.93
N LYS C 119 -8.56 45.12 24.70
CA LYS C 119 -7.45 46.03 24.40
C LYS C 119 -7.60 46.54 22.97
N ASP C 120 -6.68 47.41 22.58
CA ASP C 120 -6.65 47.95 21.22
C ASP C 120 -5.94 46.99 20.27
N PHE C 121 -6.40 46.98 19.02
CA PHE C 121 -5.89 46.06 18.01
C PHE C 121 -5.85 46.75 16.66
N THR C 122 -4.80 46.50 15.88
CA THR C 122 -4.88 46.65 14.43
C THR C 122 -5.57 45.42 13.85
N LEU C 123 -5.93 45.50 12.57
CA LEU C 123 -6.54 44.34 11.92
C LEU C 123 -5.60 43.13 11.96
N GLY C 124 -4.29 43.38 11.80
CA GLY C 124 -3.33 42.28 11.82
C GLY C 124 -3.18 41.67 13.20
N GLU C 125 -3.03 42.51 14.22
CA GLU C 125 -2.99 42.02 15.59
C GLU C 125 -4.27 41.28 15.92
N ALA C 126 -5.41 41.78 15.42
CA ALA C 126 -6.69 41.13 15.73
C ALA C 126 -6.83 39.80 15.01
N MET C 127 -6.22 39.68 13.83
CA MET C 127 -6.25 38.42 13.09
C MET C 127 -5.49 37.34 13.87
N GLN C 128 -4.30 37.68 14.37
CA GLN C 128 -3.51 36.68 15.08
C GLN C 128 -4.09 36.38 16.45
N ALA C 129 -4.66 37.37 17.12
CA ALA C 129 -5.36 37.09 18.36
C ALA C 129 -6.78 36.55 18.14
N SER C 130 -7.21 36.45 16.88
CA SER C 130 -8.56 36.05 16.49
C SER C 130 -9.65 36.86 17.22
N THR C 131 -9.42 38.17 17.35
CA THR C 131 -10.32 39.05 18.09
C THR C 131 -11.64 39.28 17.35
N VAL C 132 -12.65 38.47 17.68
CA VAL C 132 -13.94 38.54 16.97
C VAL C 132 -14.57 39.93 17.05
N PRO C 133 -14.66 40.59 18.22
CA PRO C 133 -15.34 41.90 18.23
C PRO C 133 -14.73 42.94 17.31
N VAL C 134 -13.41 42.90 17.05
CA VAL C 134 -12.83 43.82 16.07
C VAL C 134 -13.38 43.52 14.68
N TYR C 135 -13.50 42.23 14.33
CA TYR C 135 -14.00 41.87 13.01
C TYR C 135 -15.52 41.98 12.91
N GLN C 136 -16.24 41.94 14.04
CA GLN C 136 -17.65 42.33 14.02
C GLN C 136 -17.81 43.83 13.78
N GLU C 137 -16.98 44.66 14.42
CA GLU C 137 -16.99 46.10 14.12
C GLU C 137 -16.71 46.35 12.65
N LEU C 138 -15.76 45.61 12.06
CA LEU C 138 -15.49 45.80 10.64
C LEU C 138 -16.70 45.37 9.80
N ALA C 139 -17.33 44.26 10.18
CA ALA C 139 -18.56 43.83 9.52
C ALA C 139 -19.62 44.93 9.53
N ARG C 140 -19.82 45.58 10.68
CA ARG C 140 -20.82 46.64 10.79
C ARG C 140 -20.46 47.85 9.94
N ARG C 141 -19.16 48.20 9.85
CA ARG C 141 -18.74 49.27 8.94
C ARG C 141 -19.08 48.95 7.49
N ILE C 142 -18.88 47.69 7.09
CA ILE C 142 -19.21 47.25 5.74
C ILE C 142 -20.72 47.30 5.51
N GLY C 143 -21.49 46.84 6.49
CA GLY C 143 -22.93 46.88 6.40
C GLY C 143 -23.49 45.71 5.60
N PRO C 144 -24.78 45.42 5.74
CA PRO C 144 -25.33 44.20 5.11
C PRO C 144 -25.41 44.28 3.60
N SER C 145 -25.68 45.46 3.04
CA SER C 145 -25.80 45.60 1.59
C SER C 145 -24.48 45.29 0.91
N LEU C 146 -23.42 45.99 1.30
CA LEU C 146 -22.14 45.78 0.66
C LEU C 146 -21.58 44.40 0.98
N MET C 147 -21.77 43.93 2.21
CA MET C 147 -21.29 42.59 2.55
C MET C 147 -21.93 41.56 1.65
N GLN C 148 -23.26 41.63 1.51
CA GLN C 148 -23.99 40.70 0.67
C GLN C 148 -23.49 40.76 -0.77
N SER C 149 -23.40 41.96 -1.35
CA SER C 149 -23.02 42.00 -2.75
C SER C 149 -21.57 41.60 -2.97
N GLU C 150 -20.71 41.74 -1.94
CA GLU C 150 -19.32 41.36 -2.10
C GLU C 150 -19.14 39.85 -2.03
N LEU C 151 -19.81 39.19 -1.08
CA LEU C 151 -19.76 37.73 -1.03
C LEU C 151 -20.30 37.14 -2.33
N GLN C 152 -21.30 37.78 -2.93
CA GLN C 152 -21.81 37.27 -4.20
C GLN C 152 -20.80 37.50 -5.30
N ARG C 153 -20.15 38.65 -5.29
CA ARG C 153 -19.15 38.96 -6.30
C ARG C 153 -17.98 37.97 -6.26
N ILE C 154 -17.51 37.59 -5.07
CA ILE C 154 -16.40 36.65 -4.98
C ILE C 154 -16.84 35.21 -4.86
N GLY C 155 -18.15 34.96 -4.83
CA GLY C 155 -18.70 33.62 -4.69
C GLY C 155 -18.20 32.86 -3.47
N TYR C 156 -18.36 33.43 -2.28
CA TYR C 156 -17.79 32.84 -1.07
C TYR C 156 -18.81 31.94 -0.42
N GLY C 157 -18.60 30.61 -0.51
CA GLY C 157 -19.52 29.68 0.10
C GLY C 157 -20.91 29.79 -0.49
N ASN C 158 -21.93 29.70 0.38
CA ASN C 158 -23.32 29.86 -0.03
C ASN C 158 -23.75 31.32 -0.09
N MET C 159 -22.87 32.25 0.30
CA MET C 159 -23.06 33.69 0.10
C MET C 159 -24.28 34.25 0.86
N GLN C 160 -24.68 33.59 1.96
CA GLN C 160 -25.86 34.02 2.72
C GLN C 160 -25.44 34.68 4.03
N ILE C 161 -26.08 35.80 4.37
CA ILE C 161 -25.75 36.51 5.60
C ILE C 161 -26.93 36.68 6.55
N GLY C 162 -28.14 36.27 6.15
CA GLY C 162 -29.24 36.40 7.09
C GLY C 162 -29.52 37.86 7.39
N THR C 163 -29.80 38.15 8.67
CA THR C 163 -30.24 39.49 9.07
C THR C 163 -29.29 40.18 10.03
N GLU C 164 -28.28 39.51 10.56
CA GLU C 164 -27.33 40.13 11.46
C GLU C 164 -25.98 40.16 10.77
N VAL C 165 -25.54 41.37 10.38
CA VAL C 165 -24.31 41.50 9.62
C VAL C 165 -23.08 41.11 10.41
N ASP C 166 -23.17 40.98 11.74
CA ASP C 166 -21.98 40.65 12.51
C ASP C 166 -22.05 39.26 13.15
N GLN C 167 -22.95 38.40 12.67
CA GLN C 167 -23.12 37.07 13.25
C GLN C 167 -23.21 35.94 12.22
N PHE C 168 -23.30 36.25 10.93
CA PHE C 168 -23.62 35.21 9.94
C PHE C 168 -22.51 34.16 9.84
N TRP C 169 -21.24 34.54 10.01
CA TRP C 169 -20.19 33.54 9.85
C TRP C 169 -19.98 32.74 11.12
N LEU C 170 -20.58 33.15 12.24
CA LEU C 170 -20.48 32.50 13.54
C LEU C 170 -21.70 31.67 13.88
N LYS C 171 -22.88 31.98 13.35
CA LYS C 171 -24.10 31.26 13.68
C LYS C 171 -24.78 30.69 12.45
N GLY C 172 -24.19 30.79 11.27
CA GLY C 172 -24.94 30.63 10.06
C GLY C 172 -25.71 31.91 9.79
N PRO C 173 -26.29 32.05 8.59
CA PRO C 173 -26.48 31.02 7.56
C PRO C 173 -25.28 30.79 6.62
N LEU C 174 -24.24 31.61 6.68
CA LEU C 174 -23.09 31.43 5.80
C LEU C 174 -22.45 30.07 6.03
N THR C 175 -22.29 29.30 4.95
CA THR C 175 -21.58 28.04 5.03
C THR C 175 -20.67 27.94 3.82
N ILE C 176 -19.61 27.16 3.99
CA ILE C 176 -18.60 26.95 2.95
C ILE C 176 -18.01 25.55 3.14
N THR C 177 -17.69 24.88 2.03
CA THR C 177 -17.02 23.60 2.09
C THR C 177 -15.50 23.75 2.25
N PRO C 178 -14.84 22.74 2.81
CA PRO C 178 -13.37 22.80 2.90
C PRO C 178 -12.70 22.92 1.54
N ILE C 179 -13.26 22.27 0.52
CA ILE C 179 -12.73 22.46 -0.83
C ILE C 179 -12.82 23.92 -1.24
N GLN C 180 -13.93 24.56 -0.90
CA GLN C 180 -14.08 25.97 -1.27
C GLN C 180 -13.10 26.86 -0.51
N GLU C 181 -12.87 26.57 0.77
CA GLU C 181 -11.88 27.32 1.53
C GLU C 181 -10.50 27.17 0.90
N VAL C 182 -10.10 25.93 0.61
CA VAL C 182 -8.74 25.71 0.14
C VAL C 182 -8.53 26.45 -1.18
N LYS C 183 -9.55 26.48 -2.04
CA LYS C 183 -9.41 27.24 -3.27
C LYS C 183 -9.38 28.74 -3.01
N PHE C 184 -10.11 29.19 -2.00
CA PHE C 184 -10.11 30.62 -1.66
C PHE C 184 -8.73 31.08 -1.22
N VAL C 185 -8.13 30.35 -0.26
CA VAL C 185 -6.84 30.78 0.25
C VAL C 185 -5.75 30.51 -0.78
N TYR C 186 -5.92 29.52 -1.64
CA TYR C 186 -4.96 29.37 -2.73
C TYR C 186 -4.93 30.61 -3.60
N ASP C 187 -6.10 31.12 -3.97
CA ASP C 187 -6.12 32.33 -4.80
C ASP C 187 -5.53 33.52 -4.07
N LEU C 188 -5.83 33.66 -2.76
CA LEU C 188 -5.21 34.70 -1.97
C LEU C 188 -3.69 34.62 -2.03
N ALA C 189 -3.15 33.41 -1.86
CA ALA C 189 -1.70 33.22 -1.86
C ALA C 189 -1.10 33.63 -3.19
N GLN C 190 -1.81 33.40 -4.28
CA GLN C 190 -1.31 33.76 -5.59
C GLN C 190 -1.70 35.15 -6.03
N GLY C 191 -2.50 35.88 -5.24
CA GLY C 191 -2.92 37.20 -5.69
C GLY C 191 -3.98 37.17 -6.77
N GLN C 192 -4.72 36.06 -6.88
CA GLN C 192 -5.70 35.89 -7.95
C GLN C 192 -7.13 36.15 -7.49
N LEU C 193 -7.36 36.46 -6.21
CA LEU C 193 -8.69 36.88 -5.79
C LEU C 193 -9.06 38.24 -6.40
N PRO C 194 -10.36 38.51 -6.62
CA PRO C 194 -10.78 39.79 -7.23
C PRO C 194 -10.76 40.94 -6.22
N PHE C 195 -9.54 41.32 -5.83
CA PHE C 195 -9.29 42.40 -4.90
C PHE C 195 -8.01 43.06 -5.36
N LYS C 196 -7.84 44.31 -4.96
CA LYS C 196 -6.60 45.00 -5.26
C LYS C 196 -5.41 44.16 -4.82
N PRO C 197 -4.34 44.12 -5.62
CA PRO C 197 -3.19 43.30 -5.21
C PRO C 197 -2.64 43.67 -3.85
N GLU C 198 -2.56 44.97 -3.52
CA GLU C 198 -1.98 45.32 -2.23
C GLU C 198 -2.93 45.00 -1.09
N VAL C 199 -4.24 44.97 -1.36
CA VAL C 199 -5.18 44.47 -0.36
C VAL C 199 -4.91 42.99 -0.11
N GLN C 200 -4.69 42.22 -1.17
CA GLN C 200 -4.39 40.80 -1.02
C GLN C 200 -3.05 40.58 -0.33
N GLN C 201 -2.05 41.44 -0.58
CA GLN C 201 -0.76 41.27 0.10
C GLN C 201 -0.88 41.56 1.58
N GLN C 202 -1.57 42.65 1.94
CA GLN C 202 -1.70 43.00 3.35
C GLN C 202 -2.43 41.90 4.13
N VAL C 203 -3.48 41.34 3.55
CA VAL C 203 -4.21 40.30 4.28
C VAL C 203 -3.38 39.02 4.37
N LYS C 204 -2.82 38.59 3.24
CA LYS C 204 -1.89 37.46 3.22
C LYS C 204 -0.86 37.54 4.35
N GLU C 205 -0.24 38.70 4.57
CA GLU C 205 0.81 38.71 5.60
C GLU C 205 0.25 38.79 7.02
N MET C 206 -1.02 39.14 7.21
CA MET C 206 -1.65 38.94 8.52
C MET C 206 -1.74 37.48 8.92
N LEU C 207 -1.74 36.57 7.94
CA LEU C 207 -1.85 35.14 8.16
C LEU C 207 -0.51 34.46 8.38
N TYR C 208 0.60 35.20 8.29
CA TYR C 208 1.91 34.58 8.30
C TYR C 208 2.22 34.00 9.67
N VAL C 209 2.66 32.74 9.70
CA VAL C 209 2.89 32.00 10.93
C VAL C 209 4.38 31.73 11.16
N GLU C 210 5.03 31.09 10.20
CA GLU C 210 6.43 30.77 10.43
C GLU C 210 7.09 30.49 9.09
N ARG C 211 8.41 30.39 9.14
CA ARG C 211 9.27 30.17 8.00
C ARG C 211 10.27 29.05 8.32
N ARG C 212 10.50 28.17 7.35
CA ARG C 212 11.58 27.20 7.46
C ARG C 212 12.40 27.29 6.18
N GLY C 213 13.65 27.66 6.29
CA GLY C 213 14.38 28.01 5.08
C GLY C 213 13.68 29.20 4.46
N GLU C 214 13.32 29.08 3.19
CA GLU C 214 12.47 30.08 2.56
C GLU C 214 11.08 29.56 2.24
N ASN C 215 10.71 28.38 2.77
CA ASN C 215 9.32 27.95 2.76
C ASN C 215 8.54 28.69 3.86
N ARG C 216 7.39 29.25 3.51
CA ARG C 216 6.62 30.09 4.44
C ARG C 216 5.25 29.45 4.71
N LEU C 217 4.91 29.31 6.00
CA LEU C 217 3.58 28.85 6.40
C LEU C 217 2.67 30.03 6.73
N TYR C 218 1.47 30.04 6.15
CA TYR C 218 0.40 30.96 6.49
C TYR C 218 -0.82 30.15 6.93
N ALA C 219 -1.53 30.60 7.97
CA ALA C 219 -2.65 29.81 8.48
C ALA C 219 -3.57 30.65 9.35
N LYS C 220 -4.80 30.16 9.48
CA LYS C 220 -5.86 30.76 10.30
C LYS C 220 -6.69 29.65 10.93
N SER C 221 -6.78 29.61 12.26
CA SER C 221 -7.58 28.56 12.87
C SER C 221 -9.03 29.00 13.01
N GLY C 222 -9.90 28.02 13.23
CA GLY C 222 -11.29 28.32 13.57
C GLY C 222 -11.93 27.24 14.41
N TRP C 223 -12.74 27.64 15.40
CA TRP C 223 -13.50 26.71 16.21
C TRP C 223 -14.91 27.33 16.33
N GLY C 224 -15.80 26.89 15.44
CA GLY C 224 -17.19 27.30 15.52
C GLY C 224 -17.90 26.58 16.64
N MET C 225 -18.14 27.30 17.74
CA MET C 225 -18.72 26.70 18.93
C MET C 225 -20.23 26.89 19.06
N ALA C 226 -20.85 27.73 18.23
CA ALA C 226 -22.29 27.97 18.37
C ALA C 226 -23.15 27.00 17.58
N VAL C 227 -22.61 26.35 16.56
CA VAL C 227 -23.37 25.40 15.78
C VAL C 227 -23.22 24.01 16.37
N ASP C 228 -24.20 23.15 16.09
CA ASP C 228 -24.19 21.75 16.48
C ASP C 228 -24.22 20.88 15.23
N PRO C 229 -23.21 20.05 14.98
CA PRO C 229 -22.04 19.84 15.83
C PRO C 229 -21.06 21.01 15.68
N GLN C 230 -20.14 21.17 16.62
CA GLN C 230 -19.11 22.19 16.47
C GLN C 230 -18.14 21.82 15.35
N VAL C 231 -17.53 22.85 14.77
CA VAL C 231 -16.64 22.68 13.64
C VAL C 231 -15.29 23.33 13.96
N GLY C 232 -14.22 22.68 13.54
CA GLY C 232 -12.90 23.21 13.76
C GLY C 232 -12.17 23.28 12.43
N TRP C 233 -11.43 24.35 12.24
CA TRP C 233 -10.73 24.61 11.00
C TRP C 233 -9.26 24.92 11.29
N TYR C 234 -8.43 24.58 10.32
CA TYR C 234 -7.07 25.10 10.22
C TYR C 234 -6.81 25.21 8.71
N VAL C 235 -6.86 26.44 8.19
CA VAL C 235 -6.74 26.64 6.76
C VAL C 235 -5.52 27.52 6.54
N GLY C 236 -4.85 27.34 5.41
CA GLY C 236 -3.71 28.16 5.10
C GLY C 236 -3.04 27.66 3.85
N PHE C 237 -1.77 28.01 3.72
CA PHE C 237 -0.98 27.58 2.58
C PHE C 237 0.49 27.64 2.94
N VAL C 238 1.28 26.90 2.18
CA VAL C 238 2.73 26.93 2.31
C VAL C 238 3.25 27.48 1.02
N GLU C 239 4.02 28.56 1.12
CA GLU C 239 4.67 29.17 -0.03
C GLU C 239 6.12 28.72 -0.02
N LYS C 240 6.52 28.00 -1.08
CA LYS C 240 7.88 27.49 -1.15
C LYS C 240 8.79 28.49 -1.88
N ALA C 241 10.09 28.18 -1.87
CA ALA C 241 11.08 29.12 -2.38
C ALA C 241 10.79 29.50 -3.84
N ASP C 242 10.49 28.50 -4.67
CA ASP C 242 10.24 28.68 -6.09
C ASP C 242 8.96 29.46 -6.39
N GLY C 243 8.16 29.81 -5.38
CA GLY C 243 6.87 30.41 -5.60
C GLY C 243 5.71 29.45 -5.69
N GLN C 244 5.96 28.13 -5.74
CA GLN C 244 4.85 27.17 -5.75
C GLN C 244 4.13 27.17 -4.41
N VAL C 245 2.81 27.12 -4.45
CA VAL C 245 1.97 27.20 -3.27
C VAL C 245 1.24 25.87 -3.09
N VAL C 246 1.20 25.37 -1.87
CA VAL C 246 0.27 24.31 -1.53
C VAL C 246 -0.67 24.84 -0.45
N ALA C 247 -1.96 24.96 -0.79
CA ALA C 247 -2.97 25.33 0.18
C ALA C 247 -3.57 24.09 0.84
N PHE C 248 -4.00 24.27 2.08
CA PHE C 248 -4.54 23.17 2.88
C PHE C 248 -5.72 23.66 3.71
N ALA C 249 -6.60 22.72 4.06
CA ALA C 249 -7.74 23.00 4.93
C ALA C 249 -7.98 21.77 5.79
N LEU C 250 -7.72 21.89 7.09
CA LEU C 250 -8.17 20.90 8.04
C LEU C 250 -9.57 21.28 8.52
N ASN C 251 -10.50 20.33 8.45
CA ASN C 251 -11.86 20.54 8.93
C ASN C 251 -12.27 19.29 9.67
N MET C 252 -12.62 19.45 10.95
CA MET C 252 -12.90 18.30 11.80
C MET C 252 -14.01 18.65 12.78
N GLN C 253 -14.60 17.62 13.38
CA GLN C 253 -15.61 17.85 14.39
C GLN C 253 -14.94 18.17 15.71
N MET C 254 -15.49 19.14 16.42
CA MET C 254 -14.99 19.58 17.71
C MET C 254 -15.96 19.22 18.82
N LYS C 255 -15.42 18.84 19.96
CA LYS C 255 -16.18 18.58 21.17
C LYS C 255 -15.70 19.52 22.26
N ALA C 256 -16.61 19.88 23.16
CA ALA C 256 -16.21 20.59 24.37
C ALA C 256 -15.17 19.78 25.13
N GLY C 257 -14.18 20.46 25.70
CA GLY C 257 -13.06 19.80 26.34
C GLY C 257 -11.93 19.39 25.42
N ASP C 258 -12.10 19.54 24.11
CA ASP C 258 -11.06 19.18 23.16
C ASP C 258 -9.81 20.03 23.31
N ASP C 259 -8.69 19.46 22.92
CA ASP C 259 -7.41 20.15 22.98
C ASP C 259 -7.37 21.28 21.94
N ILE C 260 -7.12 22.50 22.41
CA ILE C 260 -7.11 23.65 21.51
C ILE C 260 -6.01 23.51 20.46
N ALA C 261 -4.86 22.97 20.86
CA ALA C 261 -3.67 22.98 20.01
C ALA C 261 -3.63 21.89 18.97
N LEU C 262 -4.65 21.02 18.92
CA LEU C 262 -4.53 19.81 18.10
C LEU C 262 -4.63 20.13 16.62
N ARG C 263 -5.57 20.98 16.24
CA ARG C 263 -5.74 21.33 14.84
C ARG C 263 -4.42 21.75 14.21
N LYS C 264 -3.64 22.57 14.92
CA LYS C 264 -2.36 22.98 14.35
C LYS C 264 -1.33 21.86 14.41
N GLN C 265 -1.22 21.18 15.56
CA GLN C 265 -0.24 20.11 15.65
C GLN C 265 -0.50 18.99 14.64
N LEU C 266 -1.78 18.72 14.36
CA LEU C 266 -2.11 17.69 13.37
C LEU C 266 -1.83 18.18 11.95
N SER C 267 -2.16 19.44 11.66
CA SER C 267 -1.90 19.96 10.33
C SER C 267 -0.39 20.00 10.04
N LEU C 268 0.41 20.45 11.00
CA LEU C 268 1.86 20.46 10.79
C LEU C 268 2.41 19.06 10.61
N ASP C 269 1.79 18.06 11.26
CA ASP C 269 2.24 16.68 11.09
C ASP C 269 1.93 16.18 9.69
N VAL C 270 0.73 16.47 9.21
CA VAL C 270 0.34 16.11 7.85
C VAL C 270 1.28 16.76 6.84
N LEU C 271 1.51 18.07 6.97
CA LEU C 271 2.32 18.78 6.01
C LEU C 271 3.76 18.27 6.01
N ASP C 272 4.27 17.87 7.16
CA ASP C 272 5.58 17.26 7.21
C ASP C 272 5.60 15.91 6.48
N LYS C 273 4.58 15.08 6.70
CA LYS C 273 4.55 13.76 6.06
C LYS C 273 4.37 13.91 4.55
N LEU C 274 3.63 14.91 4.11
CA LEU C 274 3.44 15.14 2.68
C LEU C 274 4.70 15.68 2.01
N GLY C 275 5.73 16.06 2.77
CA GLY C 275 6.85 16.80 2.22
C GLY C 275 6.57 18.25 1.84
N VAL C 276 5.45 18.82 2.29
CA VAL C 276 5.12 20.19 1.94
C VAL C 276 5.86 21.16 2.85
N PHE C 277 5.97 20.82 4.13
CA PHE C 277 6.55 21.69 5.16
C PHE C 277 7.25 20.77 6.16
N HIS C 278 8.41 20.26 5.75
CA HIS C 278 9.20 19.37 6.57
C HIS C 278 9.50 19.99 7.92
N TYR C 279 9.53 19.16 8.97
CA TYR C 279 10.13 19.62 10.21
C TYR C 279 11.61 19.85 9.96
N LEU C 280 12.15 20.90 10.60
CA LEU C 280 13.57 21.22 10.53
C LEU C 280 14.39 20.10 11.18
N ASN D 36 10.79 -1.78 15.23
CA ASN D 36 11.64 -0.74 14.67
C ASN D 36 13.12 -1.05 14.87
N ASN D 37 13.75 -1.59 13.82
CA ASN D 37 15.15 -1.99 13.91
C ASN D 37 16.04 -0.85 14.39
N SER D 38 15.83 0.36 13.86
CA SER D 38 16.77 1.46 14.08
C SER D 38 17.02 1.69 15.57
N ILE D 39 15.97 1.70 16.39
CA ILE D 39 16.07 2.04 17.81
C ILE D 39 16.36 0.81 18.67
N ILE D 40 15.80 -0.35 18.31
CA ILE D 40 16.23 -1.60 18.95
C ILE D 40 17.75 -1.75 18.84
N ASP D 41 18.29 -1.46 17.64
CA ASP D 41 19.74 -1.54 17.46
C ASP D 41 20.47 -0.53 18.35
N GLN D 42 19.95 0.68 18.48
CA GLN D 42 20.58 1.66 19.37
C GLN D 42 20.55 1.19 20.82
N ASN D 43 19.48 0.51 21.21
CA ASN D 43 19.38 0.08 22.60
C ASN D 43 20.36 -1.04 22.89
N VAL D 44 20.51 -1.98 21.96
CA VAL D 44 21.51 -3.03 22.13
C VAL D 44 22.91 -2.42 22.21
N GLN D 45 23.24 -1.53 21.28
CA GLN D 45 24.54 -0.87 21.33
C GLN D 45 24.78 -0.22 22.69
N ALA D 46 23.73 0.40 23.27
CA ALA D 46 23.88 1.04 24.58
C ALA D 46 24.14 0.05 25.69
N LEU D 47 23.80 -1.22 25.49
CA LEU D 47 24.23 -2.25 26.44
C LEU D 47 25.74 -2.32 26.54
N PHE D 48 26.45 -1.90 25.50
CA PHE D 48 27.90 -2.08 25.45
C PHE D 48 28.65 -0.89 26.00
N ASN D 49 27.95 0.19 26.38
CA ASN D 49 28.60 1.31 27.06
C ASN D 49 29.18 0.90 28.41
N GLU D 50 28.70 -0.19 29.00
CA GLU D 50 29.24 -0.69 30.25
C GLU D 50 30.39 -1.67 30.06
N ILE D 51 30.60 -2.15 28.85
CA ILE D 51 31.57 -3.21 28.58
C ILE D 51 32.89 -2.57 28.19
N SER D 52 33.93 -2.81 28.99
CA SER D 52 35.24 -2.27 28.70
C SER D 52 36.01 -3.09 27.67
N ALA D 53 35.81 -4.41 27.64
CA ALA D 53 36.54 -5.28 26.72
C ALA D 53 36.07 -5.12 25.28
N ASP D 54 36.98 -5.38 24.35
CA ASP D 54 36.63 -5.51 22.95
C ASP D 54 35.72 -6.71 22.76
N ALA D 55 34.56 -6.50 22.13
CA ALA D 55 33.51 -7.49 22.08
C ALA D 55 32.70 -7.30 20.82
N VAL D 56 32.26 -8.40 20.23
CA VAL D 56 31.30 -8.36 19.13
C VAL D 56 30.21 -9.41 19.38
N PHE D 57 29.00 -9.08 18.98
CA PHE D 57 27.87 -10.00 19.09
C PHE D 57 27.25 -10.08 17.70
N VAL D 58 27.34 -11.26 17.10
CA VAL D 58 26.82 -11.49 15.76
C VAL D 58 25.53 -12.29 15.88
N THR D 59 24.52 -11.93 15.08
CA THR D 59 23.33 -12.75 14.92
C THR D 59 23.13 -13.14 13.47
N TYR D 60 22.42 -14.25 13.26
CA TYR D 60 22.13 -14.76 11.93
C TYR D 60 20.78 -15.47 11.98
N ASP D 61 19.91 -15.17 11.02
CA ASP D 61 18.55 -15.69 11.08
C ASP D 61 18.11 -16.44 9.82
N GLY D 62 19.03 -16.78 8.92
CA GLY D 62 18.62 -17.24 7.63
C GLY D 62 19.32 -16.49 6.51
N GLN D 63 19.02 -15.20 6.34
CA GLN D 63 19.67 -14.39 5.31
C GLN D 63 20.69 -13.41 5.86
N ASN D 64 20.38 -12.71 6.94
CA ASN D 64 21.08 -11.49 7.31
C ASN D 64 21.98 -11.70 8.52
N ILE D 65 23.21 -11.30 8.37
CA ILE D 65 24.13 -11.21 9.51
C ILE D 65 24.01 -9.80 10.09
N LYS D 66 23.95 -9.69 11.36
CA LYS D 66 23.91 -8.38 12.02
C LYS D 66 24.99 -8.40 13.11
N LYS D 67 25.60 -7.25 13.34
CA LYS D 67 26.73 -7.13 14.28
C LYS D 67 26.53 -6.00 15.30
N TYR D 68 26.87 -6.25 16.55
CA TYR D 68 26.74 -5.29 17.64
C TYR D 68 27.97 -5.39 18.54
N GLY D 69 28.21 -4.35 19.33
CA GLY D 69 29.25 -4.40 20.34
C GLY D 69 30.28 -3.29 20.19
N THR D 70 31.37 -3.45 20.95
CA THR D 70 32.38 -2.40 21.10
C THR D 70 33.52 -2.48 20.09
N HIS D 71 33.69 -3.62 19.39
CA HIS D 71 34.68 -3.70 18.32
C HIS D 71 34.14 -4.63 17.25
N LEU D 72 33.54 -4.05 16.20
CA LEU D 72 32.83 -4.83 15.19
C LEU D 72 33.77 -5.63 14.30
N ASP D 73 35.01 -5.17 14.09
CA ASP D 73 35.92 -5.92 13.24
C ASP D 73 36.20 -7.32 13.77
N ARG D 74 35.90 -7.58 15.05
CA ARG D 74 36.08 -8.93 15.57
C ARG D 74 35.26 -9.95 14.77
N ALA D 75 34.13 -9.53 14.21
CA ALA D 75 33.26 -10.50 13.55
C ALA D 75 33.90 -11.11 12.31
N LYS D 76 34.89 -10.44 11.74
CA LYS D 76 35.57 -10.94 10.56
C LYS D 76 36.96 -11.46 10.91
N THR D 77 37.30 -11.50 12.20
CA THR D 77 38.60 -11.91 12.69
C THR D 77 38.56 -13.36 13.17
N ALA D 78 39.58 -14.13 12.82
CA ALA D 78 39.63 -15.56 13.14
C ALA D 78 40.25 -15.76 14.51
N TYR D 79 39.58 -16.53 15.36
CA TYR D 79 40.08 -16.88 16.68
C TYR D 79 40.03 -18.39 16.84
N ILE D 80 40.79 -18.92 17.79
CA ILE D 80 40.70 -20.35 18.06
C ILE D 80 39.28 -20.61 18.56
N PRO D 81 38.67 -21.75 18.25
CA PRO D 81 37.33 -22.02 18.78
C PRO D 81 37.32 -22.32 20.26
N ALA D 82 38.45 -22.75 20.84
CA ALA D 82 38.47 -23.27 22.22
C ALA D 82 37.31 -24.25 22.40
N SER D 83 36.63 -24.19 23.55
CA SER D 83 35.63 -25.22 23.89
C SER D 83 34.41 -25.24 22.96
N THR D 84 34.19 -24.22 22.13
CA THR D 84 33.10 -24.31 21.17
C THR D 84 33.33 -25.41 20.13
N PHE D 85 34.58 -25.86 19.95
CA PHE D 85 34.87 -26.94 19.01
C PHE D 85 34.22 -28.26 19.42
N LYS D 86 33.86 -28.43 20.69
CA LYS D 86 33.13 -29.61 21.12
C LYS D 86 31.96 -29.90 20.20
N ILE D 87 31.26 -28.86 19.75
CA ILE D 87 30.12 -29.05 18.85
C ILE D 87 30.55 -29.85 17.63
N ALA D 88 31.58 -29.38 16.92
CA ALA D 88 32.06 -30.09 15.73
C ALA D 88 32.66 -31.44 16.09
N ASN D 89 33.48 -31.48 17.14
CA ASN D 89 34.07 -32.74 17.60
C ASN D 89 32.99 -33.80 17.76
N ALA D 90 31.92 -33.48 18.50
CA ALA D 90 30.87 -34.47 18.76
C ALA D 90 30.20 -34.91 17.45
N LEU D 91 29.84 -33.95 16.60
CA LEU D 91 29.23 -34.30 15.32
C LEU D 91 30.12 -35.26 14.54
N ILE D 92 31.42 -34.95 14.46
CA ILE D 92 32.35 -35.77 13.68
C ILE D 92 32.50 -37.14 14.31
N GLY D 93 32.69 -37.19 15.63
CA GLY D 93 32.80 -38.47 16.31
C GLY D 93 31.59 -39.34 16.06
N LEU D 94 30.39 -38.82 16.33
CA LEU D 94 29.16 -39.62 16.20
C LEU D 94 28.91 -40.03 14.75
N GLU D 95 29.09 -39.10 13.81
CA GLU D 95 28.90 -39.42 12.40
C GLU D 95 29.73 -40.63 11.97
N ASN D 96 30.99 -40.68 12.42
CA ASN D 96 31.96 -41.70 11.98
C ASN D 96 32.11 -42.85 12.96
N HIS D 97 31.08 -43.12 13.77
CA HIS D 97 31.01 -44.30 14.61
C HIS D 97 32.20 -44.43 15.54
N LYS D 98 32.78 -43.31 15.94
CA LYS D 98 33.86 -43.33 16.93
C LYS D 98 33.34 -43.20 18.36
N ALA D 99 32.06 -42.88 18.54
CA ALA D 99 31.43 -42.80 19.85
C ALA D 99 29.91 -42.86 19.66
N THR D 100 29.22 -43.14 20.76
CA THR D 100 27.77 -42.95 20.84
C THR D 100 27.47 -41.91 21.91
N SER D 101 26.19 -41.50 21.95
CA SER D 101 25.74 -40.53 22.94
C SER D 101 25.39 -41.18 24.27
N THR D 102 25.24 -42.51 24.30
CA THR D 102 25.05 -43.20 25.56
C THR D 102 26.33 -43.83 26.10
N GLU D 103 27.41 -43.88 25.31
CA GLU D 103 28.68 -44.41 25.81
C GLU D 103 29.21 -43.55 26.96
N ILE D 104 29.73 -44.22 27.98
CA ILE D 104 30.37 -43.58 29.12
C ILE D 104 31.86 -43.50 28.83
N PHE D 105 32.46 -42.34 29.11
CA PHE D 105 33.89 -42.17 28.92
C PHE D 105 34.58 -42.37 30.25
N LYS D 106 35.46 -43.37 30.30
CA LYS D 106 36.03 -43.88 31.54
C LYS D 106 37.05 -42.90 32.10
N TRP D 107 36.79 -42.38 33.30
CA TRP D 107 37.83 -41.63 34.01
C TRP D 107 38.93 -42.60 34.43
N ASP D 108 40.14 -42.41 33.90
CA ASP D 108 41.23 -43.31 34.29
C ASP D 108 41.63 -43.12 35.74
N GLY D 109 41.07 -42.14 36.44
CA GLY D 109 41.43 -41.89 37.83
C GLY D 109 42.60 -40.96 38.01
N LYS D 110 43.25 -40.51 36.94
CA LYS D 110 44.39 -39.61 37.05
C LYS D 110 43.89 -38.17 37.10
N PRO D 111 44.20 -37.41 38.16
CA PRO D 111 43.50 -36.13 38.37
C PRO D 111 43.68 -35.17 37.20
N ARG D 112 42.60 -34.49 36.87
CA ARG D 112 42.55 -33.57 35.76
C ARG D 112 42.65 -32.13 36.26
N PHE D 113 42.57 -31.17 35.34
CA PHE D 113 42.80 -29.78 35.70
C PHE D 113 41.70 -29.20 36.58
N PHE D 114 40.54 -29.85 36.68
CA PHE D 114 39.49 -29.47 37.61
C PHE D 114 38.94 -30.73 38.26
N LYS D 115 38.52 -30.60 39.52
CA LYS D 115 37.96 -31.75 40.21
C LYS D 115 36.62 -32.14 39.63
N ALA D 116 35.89 -31.19 39.04
CA ALA D 116 34.64 -31.53 38.37
C ALA D 116 34.87 -32.56 37.28
N TRP D 117 35.96 -32.40 36.53
CA TRP D 117 36.30 -33.28 35.43
C TRP D 117 36.75 -34.66 35.90
N ASP D 118 36.92 -34.85 37.20
CA ASP D 118 37.40 -36.12 37.74
C ASP D 118 36.22 -37.08 37.97
N LYS D 119 35.50 -37.36 36.87
CA LYS D 119 34.32 -38.21 36.88
C LYS D 119 34.25 -39.00 35.57
N ASP D 120 33.25 -39.87 35.48
CA ASP D 120 32.87 -40.52 34.23
C ASP D 120 31.75 -39.75 33.57
N PHE D 121 31.82 -39.62 32.24
CA PHE D 121 30.92 -38.76 31.48
C PHE D 121 30.44 -39.48 30.23
N THR D 122 29.20 -39.21 29.84
CA THR D 122 28.82 -39.36 28.45
C THR D 122 29.26 -38.11 27.69
N LEU D 123 29.19 -38.14 26.36
CA LEU D 123 29.51 -36.93 25.60
C LEU D 123 28.64 -35.77 26.04
N GLY D 124 27.35 -36.03 26.24
CA GLY D 124 26.42 -34.96 26.56
C GLY D 124 26.71 -34.34 27.91
N GLU D 125 26.94 -35.17 28.92
CA GLU D 125 27.35 -34.65 30.22
C GLU D 125 28.65 -33.89 30.08
N ALA D 126 29.59 -34.42 29.29
CA ALA D 126 30.86 -33.76 29.11
C ALA D 126 30.68 -32.42 28.39
N MET D 127 29.72 -32.36 27.47
CA MET D 127 29.43 -31.10 26.81
C MET D 127 29.07 -30.03 27.83
N GLN D 128 28.18 -30.37 28.76
CA GLN D 128 27.72 -29.38 29.72
C GLN D 128 28.79 -29.04 30.74
N ALA D 129 29.57 -30.02 31.18
CA ALA D 129 30.65 -29.71 32.11
C ALA D 129 31.89 -29.19 31.38
N SER D 130 31.83 -29.10 30.05
CA SER D 130 32.95 -28.73 29.18
C SER D 130 34.22 -29.50 29.53
N THR D 131 34.06 -30.81 29.69
CA THR D 131 35.16 -31.69 30.10
C THR D 131 36.15 -31.92 28.97
N VAL D 132 37.14 -31.03 28.88
CA VAL D 132 38.13 -31.11 27.79
C VAL D 132 38.75 -32.49 27.63
N PRO D 133 39.20 -33.18 28.68
CA PRO D 133 39.87 -34.47 28.45
C PRO D 133 38.97 -35.50 27.78
N VAL D 134 37.68 -35.47 28.03
CA VAL D 134 36.79 -36.40 27.33
C VAL D 134 36.80 -36.13 25.83
N TYR D 135 36.79 -34.86 25.45
CA TYR D 135 36.79 -34.50 24.03
C TYR D 135 38.15 -34.64 23.38
N GLN D 136 39.24 -34.63 24.17
CA GLN D 136 40.56 -34.96 23.61
C GLN D 136 40.65 -36.44 23.28
N GLU D 137 40.21 -37.30 24.20
CA GLU D 137 40.10 -38.71 23.86
C GLU D 137 39.28 -38.92 22.58
N LEU D 138 38.16 -38.21 22.45
CA LEU D 138 37.36 -38.36 21.23
C LEU D 138 38.15 -37.95 20.00
N ALA D 139 38.85 -36.81 20.07
CA ALA D 139 39.67 -36.38 18.94
C ALA D 139 40.71 -37.43 18.59
N ARG D 140 41.29 -38.08 19.60
CA ARG D 140 42.29 -39.12 19.34
C ARG D 140 41.68 -40.37 18.71
N ARG D 141 40.43 -40.72 19.08
CA ARG D 141 39.76 -41.82 18.39
C ARG D 141 39.54 -41.51 16.92
N ILE D 142 39.30 -40.24 16.60
CA ILE D 142 39.03 -39.82 15.23
C ILE D 142 40.28 -39.87 14.37
N GLY D 143 41.42 -39.48 14.95
CA GLY D 143 42.68 -39.45 14.22
C GLY D 143 42.83 -38.18 13.40
N PRO D 144 44.08 -37.82 13.10
CA PRO D 144 44.31 -36.56 12.37
C PRO D 144 43.79 -36.57 10.94
N SER D 145 43.91 -37.69 10.24
CA SER D 145 43.50 -37.74 8.84
C SER D 145 41.99 -37.59 8.71
N LEU D 146 41.22 -38.38 9.46
CA LEU D 146 39.77 -38.20 9.44
C LEU D 146 39.39 -36.80 9.91
N MET D 147 39.97 -36.34 11.02
CA MET D 147 39.66 -35.00 11.53
C MET D 147 39.91 -33.96 10.45
N GLN D 148 41.05 -34.05 9.76
CA GLN D 148 41.39 -33.10 8.70
C GLN D 148 40.35 -33.12 7.59
N SER D 149 40.09 -34.30 7.02
CA SER D 149 39.19 -34.34 5.88
C SER D 149 37.75 -34.01 6.28
N GLU D 150 37.38 -34.21 7.54
CA GLU D 150 36.03 -33.86 7.94
C GLU D 150 35.87 -32.35 8.12
N LEU D 151 36.83 -31.69 8.77
CA LEU D 151 36.82 -30.23 8.82
C LEU D 151 36.87 -29.62 7.43
N GLN D 152 37.58 -30.25 6.48
CA GLN D 152 37.55 -29.76 5.11
C GLN D 152 36.18 -30.00 4.49
N ARG D 153 35.60 -31.17 4.74
CA ARG D 153 34.32 -31.51 4.16
C ARG D 153 33.23 -30.52 4.57
N ILE D 154 33.23 -30.09 5.84
CA ILE D 154 32.20 -29.19 6.33
C ILE D 154 32.62 -27.73 6.30
N GLY D 155 33.88 -27.43 5.96
CA GLY D 155 34.37 -26.07 5.83
C GLY D 155 34.40 -25.29 7.13
N TYR D 156 34.93 -25.89 8.18
CA TYR D 156 34.91 -25.27 9.50
C TYR D 156 36.18 -24.44 9.68
N GLY D 157 36.03 -23.13 9.76
CA GLY D 157 37.17 -22.26 10.01
C GLY D 157 38.22 -22.36 8.92
N ASN D 158 39.49 -22.21 9.31
CA ASN D 158 40.57 -22.38 8.34
C ASN D 158 40.94 -23.85 8.11
N MET D 159 40.25 -24.77 8.79
CA MET D 159 40.36 -26.22 8.56
C MET D 159 41.78 -26.75 8.80
N GLN D 160 42.59 -26.06 9.60
CA GLN D 160 43.96 -26.48 9.89
C GLN D 160 44.04 -27.14 11.26
N ILE D 161 44.65 -28.33 11.33
CA ILE D 161 44.80 -29.01 12.61
C ILE D 161 46.24 -29.16 13.04
N GLY D 162 47.21 -28.84 12.19
CA GLY D 162 48.61 -28.97 12.63
C GLY D 162 48.99 -30.43 12.87
N THR D 163 49.71 -30.66 13.98
CA THR D 163 50.29 -31.96 14.27
C THR D 163 49.78 -32.63 15.54
N GLU D 164 49.00 -31.94 16.35
CA GLU D 164 48.50 -32.46 17.62
C GLU D 164 46.98 -32.59 17.52
N VAL D 165 46.50 -33.81 17.35
CA VAL D 165 45.08 -34.03 17.08
C VAL D 165 44.22 -33.62 18.27
N ASP D 166 44.78 -33.62 19.49
CA ASP D 166 44.01 -33.23 20.67
C ASP D 166 44.36 -31.84 21.19
N GLN D 167 44.90 -30.97 20.34
CA GLN D 167 45.32 -29.65 20.82
C GLN D 167 44.98 -28.54 19.87
N PHE D 168 44.64 -28.83 18.62
CA PHE D 168 44.57 -27.80 17.60
C PHE D 168 43.49 -26.78 17.87
N TRP D 169 42.40 -27.16 18.56
CA TRP D 169 41.36 -26.19 18.86
C TRP D 169 41.59 -25.43 20.16
N LEU D 170 42.62 -25.79 20.94
CA LEU D 170 42.95 -25.08 22.17
C LEU D 170 44.12 -24.12 22.02
N LYS D 171 45.06 -24.44 21.11
CA LYS D 171 46.31 -23.69 20.95
C LYS D 171 46.53 -23.21 19.52
N GLY D 172 45.55 -23.34 18.64
CA GLY D 172 45.79 -23.25 17.22
C GLY D 172 46.38 -24.55 16.73
N PRO D 173 46.57 -24.67 15.40
CA PRO D 173 46.37 -23.64 14.37
C PRO D 173 44.91 -23.39 13.96
N LEU D 174 43.92 -24.14 14.45
CA LEU D 174 42.55 -23.95 13.97
C LEU D 174 41.99 -22.63 14.45
N THR D 175 41.43 -21.84 13.54
CA THR D 175 40.78 -20.60 13.89
C THR D 175 39.49 -20.47 13.10
N ILE D 176 38.57 -19.68 13.62
CA ILE D 176 37.25 -19.50 13.00
C ILE D 176 36.75 -18.10 13.38
N THR D 177 36.08 -17.44 12.43
CA THR D 177 35.50 -16.15 12.75
C THR D 177 34.14 -16.30 13.42
N PRO D 178 33.70 -15.28 14.13
CA PRO D 178 32.37 -15.34 14.77
C PRO D 178 31.25 -15.47 13.77
N ILE D 179 31.40 -14.90 12.58
CA ILE D 179 30.42 -15.10 11.51
C ILE D 179 30.35 -16.58 11.15
N GLN D 180 31.51 -17.20 10.95
CA GLN D 180 31.54 -18.60 10.60
C GLN D 180 30.89 -19.46 11.69
N GLU D 181 31.20 -19.17 12.97
CA GLU D 181 30.57 -19.91 14.06
C GLU D 181 29.06 -19.75 14.03
N VAL D 182 28.58 -18.52 13.82
CA VAL D 182 27.14 -18.33 13.91
C VAL D 182 26.44 -19.01 12.75
N LYS D 183 27.07 -19.05 11.57
CA LYS D 183 26.46 -19.78 10.46
C LYS D 183 26.49 -21.28 10.73
N PHE D 184 27.59 -21.76 11.33
CA PHE D 184 27.74 -23.18 11.64
C PHE D 184 26.64 -23.65 12.58
N VAL D 185 26.38 -22.92 13.65
CA VAL D 185 25.36 -23.37 14.58
C VAL D 185 23.97 -23.06 14.10
N TYR D 186 23.80 -22.08 13.23
CA TYR D 186 22.48 -21.91 12.63
C TYR D 186 22.08 -23.19 11.88
N ASP D 187 22.99 -23.69 11.04
CA ASP D 187 22.71 -24.90 10.27
C ASP D 187 22.44 -26.11 11.17
N LEU D 188 23.19 -26.22 12.28
CA LEU D 188 22.93 -27.29 13.23
C LEU D 188 21.49 -27.24 13.76
N ALA D 189 21.05 -26.04 14.17
CA ALA D 189 19.69 -25.89 14.69
C ALA D 189 18.66 -26.29 13.65
N GLN D 190 18.91 -25.98 12.39
CA GLN D 190 17.98 -26.34 11.34
C GLN D 190 18.25 -27.73 10.78
N GLY D 191 19.17 -28.47 11.38
CA GLY D 191 19.47 -29.80 10.87
C GLY D 191 19.99 -29.79 9.44
N GLN D 192 20.62 -28.68 9.02
CA GLN D 192 21.11 -28.53 7.65
C GLN D 192 22.62 -28.72 7.51
N LEU D 193 23.33 -29.15 8.57
CA LEU D 193 24.74 -29.49 8.40
C LEU D 193 24.85 -30.81 7.65
N PRO D 194 25.99 -31.04 6.95
CA PRO D 194 26.18 -32.34 6.26
C PRO D 194 26.53 -33.46 7.24
N PHE D 195 25.61 -33.75 8.14
CA PHE D 195 25.70 -34.87 9.05
C PHE D 195 24.35 -35.60 9.07
N LYS D 196 24.37 -36.84 9.57
CA LYS D 196 23.12 -37.58 9.71
C LYS D 196 22.12 -36.77 10.54
N PRO D 197 20.84 -36.78 10.16
CA PRO D 197 19.84 -36.05 10.96
C PRO D 197 19.89 -36.38 12.44
N GLU D 198 20.08 -37.65 12.80
CA GLU D 198 20.05 -38.03 14.21
C GLU D 198 21.33 -37.66 14.95
N VAL D 199 22.45 -37.54 14.24
CA VAL D 199 23.67 -37.02 14.85
C VAL D 199 23.50 -35.54 15.16
N GLN D 200 22.95 -34.78 14.22
CA GLN D 200 22.68 -33.37 14.47
C GLN D 200 21.71 -33.19 15.63
N GLN D 201 20.64 -33.99 15.70
CA GLN D 201 19.71 -33.88 16.81
C GLN D 201 20.38 -34.18 18.14
N GLN D 202 21.18 -35.25 18.20
CA GLN D 202 21.84 -35.61 19.45
C GLN D 202 22.76 -34.50 19.93
N VAL D 203 23.57 -33.94 19.04
CA VAL D 203 24.43 -32.84 19.46
C VAL D 203 23.61 -31.61 19.83
N LYS D 204 22.69 -31.20 18.97
CA LYS D 204 21.84 -30.05 19.25
C LYS D 204 21.29 -30.08 20.68
N GLU D 205 20.68 -31.21 21.09
CA GLU D 205 20.11 -31.23 22.44
C GLU D 205 21.18 -31.35 23.54
N MET D 206 22.41 -31.75 23.22
CA MET D 206 23.51 -31.56 24.17
C MET D 206 23.69 -30.10 24.55
N LEU D 207 23.24 -29.17 23.70
CA LEU D 207 23.50 -27.76 23.89
C LEU D 207 22.34 -27.03 24.54
N TYR D 208 21.25 -27.73 24.84
CA TYR D 208 20.04 -27.10 25.37
C TYR D 208 20.30 -26.51 26.75
N VAL D 209 19.89 -25.26 26.93
CA VAL D 209 20.13 -24.52 28.16
C VAL D 209 18.84 -24.35 28.95
N GLU D 210 17.81 -23.78 28.33
CA GLU D 210 16.52 -23.60 29.00
C GLU D 210 15.51 -23.09 27.98
N ARG D 211 14.25 -23.03 28.42
CA ARG D 211 13.18 -22.54 27.58
C ARG D 211 12.38 -21.47 28.34
N ARG D 212 11.76 -20.59 27.57
CA ARG D 212 10.87 -19.56 28.08
C ARG D 212 9.63 -19.58 27.22
N GLY D 213 8.55 -20.10 27.75
CA GLY D 213 7.42 -20.44 26.89
C GLY D 213 7.85 -21.57 25.99
N GLU D 214 7.65 -21.40 24.69
CA GLU D 214 8.11 -22.37 23.70
C GLU D 214 9.34 -21.87 22.94
N ASN D 215 10.00 -20.81 23.43
CA ASN D 215 11.32 -20.42 22.95
C ASN D 215 12.38 -21.20 23.70
N ARG D 216 13.32 -21.79 22.96
CA ARG D 216 14.37 -22.61 23.54
C ARG D 216 15.74 -21.99 23.27
N LEU D 217 16.58 -21.97 24.30
CA LEU D 217 17.94 -21.43 24.23
C LEU D 217 18.94 -22.56 24.23
N TYR D 218 19.73 -22.66 23.17
CA TYR D 218 20.86 -23.57 23.10
C TYR D 218 22.13 -22.73 23.05
N ALA D 219 23.20 -23.20 23.69
CA ALA D 219 24.38 -22.36 23.82
C ALA D 219 25.57 -23.18 24.30
N LYS D 220 26.77 -22.64 24.04
CA LYS D 220 28.02 -23.28 24.43
C LYS D 220 29.04 -22.17 24.70
N SER D 221 29.64 -22.17 25.88
CA SER D 221 30.66 -21.16 26.16
C SER D 221 32.04 -21.65 25.73
N GLY D 222 32.99 -20.73 25.76
CA GLY D 222 34.37 -21.05 25.50
C GLY D 222 35.30 -19.99 26.04
N TRP D 223 36.41 -20.40 26.63
CA TRP D 223 37.43 -19.45 27.08
C TRP D 223 38.78 -20.01 26.66
N GLY D 224 39.33 -19.47 25.58
CA GLY D 224 40.64 -19.89 25.12
C GLY D 224 41.71 -19.16 25.90
N MET D 225 42.31 -19.83 26.88
CA MET D 225 43.32 -19.22 27.73
C MET D 225 44.75 -19.45 27.26
N ALA D 226 44.99 -20.41 26.37
CA ALA D 226 46.36 -20.74 25.98
C ALA D 226 46.93 -19.81 24.92
N VAL D 227 46.15 -18.83 24.45
CA VAL D 227 46.61 -17.95 23.38
C VAL D 227 46.57 -16.52 23.91
N ASP D 228 47.18 -15.62 23.14
CA ASP D 228 47.31 -14.22 23.53
C ASP D 228 47.00 -13.34 22.33
N PRO D 229 45.97 -12.48 22.42
CA PRO D 229 45.05 -12.33 23.55
C PRO D 229 44.17 -13.57 23.70
N GLN D 230 43.75 -13.85 24.92
CA GLN D 230 42.87 -14.98 25.10
C GLN D 230 41.45 -14.59 24.70
N VAL D 231 40.68 -15.59 24.27
CA VAL D 231 39.43 -15.34 23.56
C VAL D 231 38.26 -15.89 24.36
N GLY D 232 37.15 -15.12 24.40
CA GLY D 232 35.94 -15.58 25.06
C GLY D 232 34.77 -15.74 24.11
N TRP D 233 34.07 -16.88 24.21
CA TRP D 233 32.99 -17.21 23.30
C TRP D 233 31.69 -17.48 24.05
N TYR D 234 30.58 -17.12 23.42
CA TYR D 234 29.27 -17.64 23.84
C TYR D 234 28.43 -17.78 22.58
N VAL D 235 28.27 -19.01 22.11
CA VAL D 235 27.64 -19.23 20.80
C VAL D 235 26.43 -20.12 21.00
N GLY D 236 25.40 -19.91 20.19
CA GLY D 236 24.22 -20.75 20.29
C GLY D 236 23.10 -20.19 19.44
N PHE D 237 21.87 -20.53 19.83
CA PHE D 237 20.72 -20.10 19.05
C PHE D 237 19.48 -20.16 19.91
N VAL D 238 18.48 -19.40 19.50
CA VAL D 238 17.15 -19.43 20.11
C VAL D 238 16.21 -20.03 19.10
N GLU D 239 15.54 -21.09 19.51
CA GLU D 239 14.53 -21.76 18.69
C GLU D 239 13.19 -21.20 19.16
N LYS D 240 12.67 -20.22 18.42
CA LYS D 240 11.49 -19.48 18.86
C LYS D 240 10.22 -20.33 18.66
N ALA D 241 9.16 -19.90 19.35
CA ALA D 241 7.89 -20.63 19.32
C ALA D 241 7.37 -20.80 17.90
N ASP D 242 7.46 -19.75 17.08
CA ASP D 242 7.10 -19.84 15.67
C ASP D 242 8.01 -20.77 14.85
N GLY D 243 8.99 -21.43 15.47
CA GLY D 243 9.88 -22.33 14.76
C GLY D 243 11.06 -21.67 14.09
N GLN D 244 11.05 -20.35 13.94
CA GLN D 244 12.18 -19.63 13.37
C GLN D 244 13.38 -19.71 14.31
N VAL D 245 14.57 -19.63 13.73
CA VAL D 245 15.79 -19.77 14.50
C VAL D 245 16.60 -18.48 14.39
N VAL D 246 17.14 -18.04 15.52
CA VAL D 246 18.11 -16.94 15.56
C VAL D 246 19.35 -17.44 16.28
N ALA D 247 20.48 -17.48 15.58
CA ALA D 247 21.72 -17.92 16.18
C ALA D 247 22.58 -16.71 16.54
N PHE D 248 23.49 -16.92 17.48
CA PHE D 248 24.30 -15.81 17.97
C PHE D 248 25.70 -16.29 18.28
N ALA D 249 26.64 -15.34 18.28
CA ALA D 249 27.99 -15.60 18.75
C ALA D 249 28.47 -14.34 19.42
N LEU D 250 28.64 -14.40 20.74
CA LEU D 250 29.39 -13.38 21.42
C LEU D 250 30.86 -13.77 21.33
N ASN D 251 31.71 -12.80 21.00
CA ASN D 251 33.14 -13.06 20.94
C ASN D 251 33.85 -11.83 21.49
N MET D 252 34.59 -12.01 22.58
CA MET D 252 35.21 -10.89 23.26
C MET D 252 36.61 -11.28 23.76
N GLN D 253 37.41 -10.27 24.02
CA GLN D 253 38.68 -10.49 24.69
C GLN D 253 38.46 -10.75 26.17
N MET D 254 39.18 -11.73 26.69
CA MET D 254 39.14 -12.09 28.10
C MET D 254 40.46 -11.71 28.74
N LYS D 255 40.40 -11.51 30.04
CA LYS D 255 41.56 -11.16 30.84
C LYS D 255 41.58 -12.08 32.04
N ALA D 256 42.78 -12.51 32.43
CA ALA D 256 42.94 -13.32 33.63
C ALA D 256 42.21 -12.68 34.79
N GLY D 257 41.24 -13.39 35.35
CA GLY D 257 40.46 -12.89 36.47
C GLY D 257 39.08 -12.39 36.12
N ASP D 258 38.73 -12.26 34.84
CA ASP D 258 37.43 -11.75 34.48
C ASP D 258 36.31 -12.66 34.97
N ASP D 259 35.11 -12.10 34.99
CA ASP D 259 33.94 -12.80 35.51
C ASP D 259 33.50 -13.90 34.56
N ILE D 260 33.48 -15.13 35.05
CA ILE D 260 33.01 -16.27 34.27
C ILE D 260 31.59 -16.04 33.75
N ALA D 261 30.74 -15.46 34.60
CA ALA D 261 29.33 -15.36 34.24
C ALA D 261 29.03 -14.31 33.18
N LEU D 262 29.98 -13.43 32.85
CA LEU D 262 29.66 -12.25 32.06
C LEU D 262 29.23 -12.61 30.63
N ARG D 263 29.88 -13.60 30.01
CA ARG D 263 29.55 -13.93 28.63
C ARG D 263 28.08 -14.33 28.47
N LYS D 264 27.57 -15.15 29.39
CA LYS D 264 26.18 -15.56 29.30
C LYS D 264 25.24 -14.42 29.67
N GLN D 265 25.57 -13.68 30.74
CA GLN D 265 24.76 -12.54 31.17
C GLN D 265 24.62 -11.52 30.06
N LEU D 266 25.74 -11.20 29.39
CA LEU D 266 25.70 -10.21 28.33
C LEU D 266 24.91 -10.71 27.14
N SER D 267 25.09 -11.99 26.78
CA SER D 267 24.34 -12.53 25.66
C SER D 267 22.85 -12.57 25.94
N LEU D 268 22.41 -12.85 27.15
CA LEU D 268 20.97 -12.86 27.48
C LEU D 268 20.35 -11.45 27.47
N ASP D 269 21.11 -10.45 27.90
CA ASP D 269 20.65 -9.04 27.90
C ASP D 269 20.45 -8.66 26.46
N VAL D 270 21.36 -9.10 25.60
CA VAL D 270 21.29 -8.64 24.19
C VAL D 270 20.08 -9.29 23.56
N LEU D 271 20.03 -10.61 23.70
CA LEU D 271 18.87 -11.31 23.15
C LEU D 271 17.55 -10.70 23.66
N ASP D 272 17.49 -10.34 24.94
CA ASP D 272 16.28 -9.71 25.48
C ASP D 272 16.00 -8.37 24.83
N LYS D 273 17.02 -7.52 24.73
CA LYS D 273 16.84 -6.22 24.07
C LYS D 273 16.50 -6.39 22.60
N LEU D 274 16.99 -7.46 21.97
CA LEU D 274 16.66 -7.71 20.57
C LEU D 274 15.21 -8.15 20.39
N GLY D 275 14.53 -8.53 21.47
CA GLY D 275 13.25 -9.17 21.33
C GLY D 275 13.31 -10.60 20.85
N VAL D 276 14.47 -11.26 20.97
CA VAL D 276 14.62 -12.64 20.52
C VAL D 276 14.34 -13.63 21.65
N PHE D 277 14.75 -13.30 22.88
CA PHE D 277 14.65 -14.19 24.02
C PHE D 277 14.41 -13.33 25.27
N HIS D 278 13.15 -12.93 25.45
CA HIS D 278 12.77 -12.04 26.55
C HIS D 278 13.03 -12.69 27.90
N TYR D 279 13.30 -11.85 28.90
CA TYR D 279 13.37 -12.33 30.28
C TYR D 279 11.97 -12.68 30.76
C1 Y33 E . -2.75 -14.66 -12.96
C2 Y33 E . -1.96 -15.67 -13.75
C3 Y33 E . -1.47 -16.60 -12.93
N4 Y33 E . -1.81 -16.36 -11.67
C5 Y33 E . -2.78 -15.27 -11.55
C6 Y33 E . -2.24 -14.30 -10.47
C7 Y33 E . -1.98 -15.10 -9.20
C26 Y33 E . -4.13 -15.92 -11.21
C31 Y33 E . -0.66 -17.74 -13.28
C61 Y33 E . -2.98 -13.01 -10.08
C62 Y33 E . -4.15 -12.52 -10.92
O31 Y33 E . -0.18 -18.35 -12.31
O32 Y33 E . -0.44 -18.08 -14.47
O62 Y33 E . -3.34 -13.04 -8.69
O7 Y33 E . -0.86 -15.12 -8.72
C1A Y33 E . -2.48 -14.22 -16.20
C2A Y33 E . -4.00 -14.22 -16.04
C4A Y33 E . -2.27 -14.32 -17.71
C5A Y33 E . -3.64 -14.58 -18.34
C6A Y33 E . -3.61 -15.69 -19.37
C8A Y33 E . -2.97 -16.32 -21.64
C9A Y33 E . -3.53 -13.97 -21.13
N3A Y33 E . -4.52 -14.93 -17.21
N7A Y33 E . -3.39 -15.34 -20.64
O6A Y33 E . -3.80 -16.86 -19.05
S21 Y33 E . -1.72 -15.62 -15.41
C ACT F . -10.20 21.47 -9.80
O ACT F . -11.44 21.28 -9.66
OXT ACT F . -9.30 20.60 -9.94
CH3 ACT F . -9.72 22.94 -9.79
C1 Y33 G . -22.70 7.95 -34.72
C2 Y33 G . -23.66 9.08 -34.96
C3 Y33 G . -23.66 9.92 -33.93
N4 Y33 G . -22.77 9.54 -33.01
C5 Y33 G . -21.95 8.45 -33.48
C6 Y33 G . -21.96 7.42 -32.35
C7 Y33 G . -21.65 8.13 -31.06
C26 Y33 G . -20.61 9.11 -33.84
C31 Y33 G . -24.48 11.11 -33.75
C61 Y33 G . -21.17 6.08 -32.42
C62 Y33 G . -20.45 5.76 -33.71
O31 Y33 G . -24.56 11.58 -32.60
O32 Y33 G . -25.06 11.63 -34.73
O62 Y33 G . -20.27 5.98 -31.31
O7 Y33 G . -22.51 8.16 -30.20
C1A Y33 G . -23.44 8.69 -37.64
C2A Y33 G . -22.63 9.88 -38.18
C4A Y33 G . -24.24 8.14 -38.81
C5A Y33 G . -23.73 8.90 -40.02
C6A Y33 G . -24.82 9.16 -41.02
C8A Y33 G . -26.97 8.01 -41.42
C9A Y33 G . -24.88 6.86 -41.95
N3A Y33 G . -23.15 10.17 -39.54
N7A Y33 G . -25.51 8.08 -41.45
O6A Y33 G . -24.99 10.31 -41.41
S21 Y33 G . -24.54 9.20 -36.36
C1 Y33 H . -12.40 30.67 19.33
C2 Y33 H . -11.26 29.69 19.36
C3 Y33 H . -10.70 29.57 18.16
N4 Y33 H . -11.33 30.33 17.28
C5 Y33 H . -12.28 31.25 17.92
C6 Y33 H . -13.59 31.15 17.14
C7 Y33 H . -13.29 31.41 15.67
C26 Y33 H . -11.60 32.62 17.93
C31 Y33 H . -9.57 28.73 17.79
C61 Y33 H . -14.86 31.93 17.58
C62 Y33 H . -14.84 32.79 18.84
O31 Y33 H . -9.35 28.53 16.56
O32 Y33 H . -8.83 28.23 18.67
O62 Y33 H . -15.37 32.71 16.48
O7 Y33 H . -13.44 30.48 14.89
C1A Y33 H . -11.01 30.15 22.07
C2A Y33 H . -9.99 31.29 21.96
C4A Y33 H . -10.75 29.48 23.41
C5A Y33 H . -9.79 30.41 24.14
C6A Y33 H . -8.90 29.60 25.03
C8A Y33 H . -9.73 27.73 26.39
C9A Y33 H . -10.02 30.05 27.16
N3A Y33 H . -9.05 31.16 23.09
N7A Y33 H . -9.51 29.15 26.14
O6A Y33 H . -7.73 29.39 24.74
S21 Y33 H . -10.83 28.96 20.78
C1 Y33 I . 37.25 -23.37 30.67
C2 Y33 I . 36.34 -22.20 30.94
C3 Y33 I . 35.38 -22.15 30.02
N4 Y33 I . 35.55 -23.09 29.10
C5 Y33 I . 36.71 -23.93 29.34
C6 Y33 I . 37.64 -23.71 28.13
C7 Y33 I . 36.84 -24.00 26.88
C26 Y33 I . 36.21 -25.36 29.51
C31 Y33 I . 34.26 -21.21 29.96
C61 Y33 I . 39.02 -24.40 28.02
C62 Y33 I . 39.55 -25.22 29.19
O31 Y33 I . 33.84 -20.84 28.84
O32 Y33 I . 33.74 -20.79 31.02
O62 Y33 I . 39.13 -25.17 26.80
O7 Y33 I . 36.85 -23.16 26.00
C1A Y33 I . 36.31 -21.74 33.83
C2A Y33 I . 37.33 -22.82 34.20
C4A Y33 I . 34.94 -22.41 33.98
C5A Y33 I . 35.15 -23.75 34.67
C6A Y33 I . 34.32 -24.91 34.14
C8A Y33 I . 33.01 -24.43 32.12
C9A Y33 I . 31.89 -24.74 34.30
N3A Y33 I . 36.59 -24.06 34.50
N7A Y33 I . 33.14 -24.69 33.55
O6A Y33 I . 34.73 -26.06 34.27
S21 Y33 I . 36.59 -21.13 32.20
#